data_2YTK
#
_entry.id   2YTK
#
loop_
_entity.id
_entity.type
_entity.pdbx_description
1 polymer 'Zinc finger protein 347'
2 non-polymer 'ZINC ION'
#
_entity_poly.entity_id   1
_entity_poly.type   'polypeptide(L)'
_entity_poly.pdbx_seq_one_letter_code
;GSSGSSGSGEKPYKCNECGKVFTQNSHLTNHWRIHTGEKPSGPSSG
;
_entity_poly.pdbx_strand_id   A
#
# COMPACT_ATOMS: atom_id res chain seq x y z
N GLY A 1 -15.13 -6.21 24.96
CA GLY A 1 -15.07 -6.60 23.56
C GLY A 1 -13.93 -5.92 22.82
N SER A 2 -13.87 -6.14 21.51
CA SER A 2 -12.82 -5.55 20.69
C SER A 2 -13.41 -4.90 19.45
N SER A 3 -13.03 -3.65 19.21
CA SER A 3 -13.53 -2.91 18.04
C SER A 3 -12.51 -2.95 16.91
N GLY A 4 -12.90 -3.59 15.80
CA GLY A 4 -12.03 -3.70 14.66
C GLY A 4 -12.49 -2.85 13.48
N SER A 5 -12.49 -1.54 13.66
CA SER A 5 -12.92 -0.62 12.61
C SER A 5 -11.81 0.36 12.25
N SER A 6 -11.55 0.48 10.95
CA SER A 6 -10.51 1.39 10.46
C SER A 6 -11.10 2.73 10.06
N GLY A 7 -10.22 3.66 9.68
CA GLY A 7 -10.68 4.98 9.27
C GLY A 7 -10.03 6.09 10.08
N SER A 8 -10.59 6.35 11.26
CA SER A 8 -10.07 7.40 12.13
C SER A 8 -8.63 7.09 12.55
N GLY A 9 -8.44 5.92 13.15
CA GLY A 9 -7.12 5.52 13.59
C GLY A 9 -6.12 5.44 12.46
N GLU A 10 -6.36 4.51 11.53
CA GLU A 10 -5.47 4.34 10.39
C GLU A 10 -5.28 5.65 9.63
N LYS A 11 -4.24 5.71 8.82
CA LYS A 11 -3.94 6.92 8.04
C LYS A 11 -4.85 7.01 6.82
N PRO A 12 -4.99 8.22 6.28
CA PRO A 12 -5.83 8.48 5.10
C PRO A 12 -5.24 7.87 3.83
N TYR A 13 -3.97 7.50 3.90
CA TYR A 13 -3.28 6.92 2.75
C TYR A 13 -2.97 5.45 3.00
N LYS A 14 -3.50 4.58 2.14
CA LYS A 14 -3.29 3.14 2.27
C LYS A 14 -3.22 2.49 0.90
N CYS A 15 -2.15 1.72 0.67
CA CYS A 15 -1.96 1.03 -0.61
C CYS A 15 -3.12 0.07 -0.89
N ASN A 16 -3.82 0.31 -2.01
CA ASN A 16 -4.95 -0.53 -2.39
C ASN A 16 -4.51 -1.62 -3.35
N GLU A 17 -3.31 -2.15 -3.14
CA GLU A 17 -2.77 -3.20 -4.00
C GLU A 17 -2.32 -4.40 -3.17
N CYS A 18 -1.86 -4.12 -1.95
CA CYS A 18 -1.40 -5.17 -1.06
C CYS A 18 -2.03 -5.03 0.33
N GLY A 19 -2.04 -3.80 0.84
CA GLY A 19 -2.61 -3.55 2.15
C GLY A 19 -1.63 -2.87 3.09
N LYS A 20 -0.87 -1.92 2.56
CA LYS A 20 0.10 -1.20 3.36
C LYS A 20 -0.45 0.14 3.84
N VAL A 21 0.29 0.83 4.70
CA VAL A 21 -0.13 2.11 5.22
C VAL A 21 1.05 3.07 5.33
N PHE A 22 0.85 4.30 4.88
CA PHE A 22 1.91 5.32 4.92
C PHE A 22 1.40 6.59 5.59
N THR A 23 2.32 7.45 6.00
CA THR A 23 1.97 8.71 6.66
C THR A 23 1.74 9.81 5.63
N GLN A 24 2.59 9.86 4.61
CA GLN A 24 2.48 10.87 3.57
C GLN A 24 1.96 10.25 2.27
N ASN A 25 1.69 11.10 1.29
CA ASN A 25 1.20 10.64 0.00
C ASN A 25 2.34 10.19 -0.90
N SER A 26 3.34 11.04 -1.05
CA SER A 26 4.50 10.75 -1.89
C SER A 26 5.04 9.35 -1.58
N HIS A 27 4.90 8.93 -0.32
CA HIS A 27 5.37 7.63 0.11
C HIS A 27 4.53 6.51 -0.50
N LEU A 28 3.21 6.64 -0.38
CA LEU A 28 2.29 5.64 -0.91
C LEU A 28 2.45 5.51 -2.43
N THR A 29 2.23 6.62 -3.13
CA THR A 29 2.35 6.64 -4.59
C THR A 29 3.64 5.96 -5.04
N ASN A 30 4.75 6.30 -4.37
CA ASN A 30 6.04 5.73 -4.71
C ASN A 30 6.04 4.22 -4.54
N HIS A 31 5.66 3.76 -3.36
CA HIS A 31 5.59 2.33 -3.07
C HIS A 31 4.99 1.57 -4.24
N TRP A 32 3.79 1.96 -4.65
CA TRP A 32 3.10 1.31 -5.76
C TRP A 32 4.10 0.85 -6.82
N ARG A 33 5.16 1.63 -6.99
CA ARG A 33 6.18 1.31 -7.98
C ARG A 33 6.56 -0.17 -7.92
N ILE A 34 6.84 -0.65 -6.71
CA ILE A 34 7.21 -2.05 -6.51
C ILE A 34 6.14 -2.98 -7.06
N HIS A 35 4.89 -2.54 -7.00
CA HIS A 35 3.77 -3.34 -7.48
C HIS A 35 3.71 -3.31 -9.01
N THR A 36 3.94 -2.14 -9.59
CA THR A 36 3.91 -1.98 -11.04
C THR A 36 5.21 -2.48 -11.67
N GLY A 37 5.30 -3.79 -11.87
CA GLY A 37 6.50 -4.37 -12.47
C GLY A 37 7.54 -4.72 -11.43
N GLU A 38 8.80 -4.77 -11.87
CA GLU A 38 9.90 -5.10 -10.96
C GLU A 38 9.89 -6.60 -10.63
N LYS A 39 9.81 -7.43 -11.66
CA LYS A 39 9.79 -8.87 -11.48
C LYS A 39 8.63 -9.29 -10.59
N PRO A 40 7.41 -8.90 -10.99
CA PRO A 40 6.19 -9.23 -10.24
C PRO A 40 5.83 -10.70 -10.34
N SER A 41 6.58 -11.43 -11.17
CA SER A 41 6.34 -12.86 -11.36
C SER A 41 7.28 -13.68 -10.49
N GLY A 42 6.83 -14.01 -9.28
CA GLY A 42 7.64 -14.79 -8.37
C GLY A 42 6.89 -15.18 -7.11
N PRO A 43 7.63 -15.68 -6.11
CA PRO A 43 7.05 -16.10 -4.83
C PRO A 43 6.54 -14.92 -4.00
N SER A 44 5.27 -14.96 -3.64
CA SER A 44 4.65 -13.89 -2.85
C SER A 44 5.45 -13.63 -1.58
N SER A 45 5.64 -12.35 -1.26
CA SER A 45 6.39 -11.97 -0.06
C SER A 45 5.46 -11.76 1.12
N GLY A 46 4.37 -11.01 0.89
CA GLY A 46 3.42 -10.74 1.94
C GLY A 46 4.03 -9.97 3.10
N GLY A 1 -17.51 7.63 10.71
CA GLY A 1 -18.28 8.71 11.30
C GLY A 1 -17.41 9.67 12.11
N SER A 2 -18.03 10.68 12.69
CA SER A 2 -17.32 11.67 13.49
C SER A 2 -17.97 11.84 14.86
N SER A 3 -17.48 11.07 15.83
CA SER A 3 -18.02 11.14 17.19
C SER A 3 -17.05 11.86 18.13
N GLY A 4 -17.54 12.21 19.31
CA GLY A 4 -16.71 12.90 20.28
C GLY A 4 -15.73 11.96 20.97
N SER A 5 -15.08 11.11 20.20
CA SER A 5 -14.12 10.16 20.75
C SER A 5 -13.22 9.60 19.66
N SER A 6 -11.91 9.68 19.87
CA SER A 6 -10.94 9.18 18.90
C SER A 6 -10.23 7.94 19.43
N GLY A 7 -10.06 6.95 18.56
CA GLY A 7 -9.40 5.72 18.96
C GLY A 7 -8.42 5.22 17.92
N SER A 8 -8.92 4.44 16.97
CA SER A 8 -8.08 3.89 15.90
C SER A 8 -7.20 4.98 15.30
N GLY A 9 -6.09 4.57 14.70
CA GLY A 9 -5.18 5.52 14.08
C GLY A 9 -4.80 5.13 12.67
N GLU A 10 -5.74 5.26 11.74
CA GLU A 10 -5.50 4.92 10.35
C GLU A 10 -5.12 6.15 9.54
N LYS A 11 -4.14 5.99 8.64
CA LYS A 11 -3.69 7.10 7.81
C LYS A 11 -4.55 7.21 6.55
N PRO A 12 -4.65 8.43 6.01
CA PRO A 12 -5.43 8.70 4.79
C PRO A 12 -4.81 8.09 3.54
N TYR A 13 -3.67 7.42 3.73
CA TYR A 13 -2.97 6.79 2.63
C TYR A 13 -2.71 5.30 2.91
N LYS A 14 -3.41 4.44 2.19
CA LYS A 14 -3.26 3.00 2.36
C LYS A 14 -3.42 2.28 1.03
N CYS A 15 -2.35 1.59 0.61
CA CYS A 15 -2.37 0.85 -0.65
C CYS A 15 -3.40 -0.27 -0.61
N ASN A 16 -4.20 -0.38 -1.67
CA ASN A 16 -5.22 -1.40 -1.75
C ASN A 16 -4.67 -2.67 -2.41
N GLU A 17 -3.67 -2.50 -3.27
CA GLU A 17 -3.06 -3.63 -3.96
C GLU A 17 -2.63 -4.71 -2.97
N CYS A 18 -1.76 -4.32 -2.04
CA CYS A 18 -1.28 -5.27 -1.03
C CYS A 18 -1.91 -4.98 0.33
N GLY A 19 -1.93 -3.71 0.71
CA GLY A 19 -2.50 -3.34 1.99
C GLY A 19 -1.51 -2.62 2.89
N LYS A 20 -0.73 -1.72 2.31
CA LYS A 20 0.26 -0.97 3.06
C LYS A 20 -0.32 0.35 3.56
N VAL A 21 0.30 0.90 4.60
CA VAL A 21 -0.15 2.16 5.19
C VAL A 21 0.98 3.18 5.25
N PHE A 22 0.67 4.43 4.91
CA PHE A 22 1.67 5.49 4.94
C PHE A 22 1.06 6.78 5.49
N THR A 23 1.93 7.67 5.98
CA THR A 23 1.49 8.93 6.54
C THR A 23 1.39 10.01 5.47
N GLN A 24 2.36 10.01 4.54
CA GLN A 24 2.38 10.99 3.46
C GLN A 24 2.16 10.30 2.12
N ASN A 25 1.58 11.03 1.18
CA ASN A 25 1.32 10.50 -0.16
C ASN A 25 2.61 10.07 -0.83
N SER A 26 3.60 10.96 -0.81
CA SER A 26 4.89 10.67 -1.43
C SER A 26 5.34 9.24 -1.12
N HIS A 27 5.05 8.79 0.10
CA HIS A 27 5.43 7.44 0.52
C HIS A 27 4.58 6.40 -0.21
N LEU A 28 3.30 6.69 -0.36
CA LEU A 28 2.39 5.77 -1.03
C LEU A 28 2.65 5.74 -2.53
N THR A 29 2.42 6.86 -3.20
CA THR A 29 2.64 6.95 -4.64
C THR A 29 3.91 6.24 -5.05
N ASN A 30 4.94 6.35 -4.23
CA ASN A 30 6.22 5.71 -4.50
C ASN A 30 6.12 4.20 -4.36
N HIS A 31 5.54 3.75 -3.24
CA HIS A 31 5.37 2.32 -2.99
C HIS A 31 4.85 1.60 -4.23
N TRP A 32 3.68 2.01 -4.69
CA TRP A 32 3.08 1.41 -5.88
C TRP A 32 4.14 1.00 -6.89
N ARG A 33 5.23 1.75 -6.93
CA ARG A 33 6.33 1.46 -7.86
C ARG A 33 6.59 -0.03 -7.92
N ILE A 34 6.78 -0.65 -6.76
CA ILE A 34 7.05 -2.08 -6.68
C ILE A 34 5.93 -2.88 -7.35
N HIS A 35 4.70 -2.37 -7.25
CA HIS A 35 3.56 -3.05 -7.84
C HIS A 35 3.56 -2.89 -9.35
N THR A 36 3.94 -1.71 -9.83
CA THR A 36 3.99 -1.43 -11.26
C THR A 36 5.25 -2.01 -11.90
N GLY A 37 5.22 -3.30 -12.22
CA GLY A 37 6.38 -3.94 -12.81
C GLY A 37 6.38 -5.44 -12.60
N GLU A 38 6.17 -5.86 -11.35
CA GLU A 38 6.16 -7.27 -11.01
C GLU A 38 4.83 -7.91 -11.39
N LYS A 39 4.34 -7.60 -12.59
CA LYS A 39 3.07 -8.14 -13.08
C LYS A 39 3.21 -8.62 -14.51
N PRO A 40 4.15 -9.55 -14.74
CA PRO A 40 4.39 -10.12 -16.07
C PRO A 40 3.26 -11.02 -16.54
N SER A 41 2.23 -11.12 -15.71
CA SER A 41 1.07 -11.96 -16.03
C SER A 41 0.02 -11.17 -16.81
N GLY A 42 -0.76 -11.87 -17.63
CA GLY A 42 -1.79 -11.21 -18.41
C GLY A 42 -1.37 -11.00 -19.85
N PRO A 43 -2.32 -10.57 -20.69
CA PRO A 43 -2.07 -10.31 -22.11
C PRO A 43 -1.19 -9.08 -22.33
N SER A 44 -0.76 -8.46 -21.24
CA SER A 44 0.09 -7.29 -21.31
C SER A 44 1.12 -7.28 -20.18
N SER A 45 2.18 -6.50 -20.36
CA SER A 45 3.24 -6.41 -19.36
C SER A 45 4.02 -5.11 -19.51
N GLY A 46 4.32 -4.47 -18.38
CA GLY A 46 5.06 -3.22 -18.41
C GLY A 46 6.44 -3.38 -19.01
N GLY A 1 -24.89 -2.09 25.42
CA GLY A 1 -23.72 -1.64 24.69
C GLY A 1 -22.65 -2.70 24.60
N SER A 2 -21.88 -2.68 23.53
CA SER A 2 -20.82 -3.66 23.32
C SER A 2 -19.45 -2.97 23.29
N SER A 3 -18.46 -3.62 23.88
CA SER A 3 -17.11 -3.08 23.92
C SER A 3 -16.08 -4.14 23.52
N GLY A 4 -15.51 -3.98 22.33
CA GLY A 4 -14.52 -4.93 21.85
C GLY A 4 -13.61 -4.33 20.80
N SER A 5 -14.20 -3.60 19.84
CA SER A 5 -13.44 -2.99 18.78
C SER A 5 -13.03 -1.56 19.14
N SER A 6 -11.75 -1.38 19.41
CA SER A 6 -11.22 -0.07 19.79
C SER A 6 -9.86 0.18 19.15
N GLY A 7 -9.75 1.27 18.40
CA GLY A 7 -8.49 1.59 17.75
C GLY A 7 -8.68 2.42 16.49
N SER A 8 -8.14 3.62 16.48
CA SER A 8 -8.26 4.51 15.33
C SER A 8 -6.90 4.75 14.67
N GLY A 9 -6.13 3.67 14.51
CA GLY A 9 -4.82 3.80 13.91
C GLY A 9 -4.84 3.50 12.42
N GLU A 10 -5.43 4.41 11.65
CA GLU A 10 -5.52 4.24 10.21
C GLU A 10 -5.30 5.57 9.49
N LYS A 11 -4.21 5.65 8.73
CA LYS A 11 -3.88 6.86 7.99
C LYS A 11 -4.79 7.02 6.77
N PRO A 12 -4.85 8.24 6.24
CA PRO A 12 -5.68 8.56 5.06
C PRO A 12 -5.11 7.94 3.79
N TYR A 13 -3.92 7.37 3.88
CA TYR A 13 -3.28 6.74 2.73
C TYR A 13 -3.02 5.26 3.00
N LYS A 14 -3.65 4.40 2.20
CA LYS A 14 -3.48 2.96 2.35
C LYS A 14 -3.52 2.26 1.00
N CYS A 15 -2.39 1.67 0.60
CA CYS A 15 -2.31 0.97 -0.67
C CYS A 15 -3.43 -0.05 -0.81
N ASN A 16 -3.81 -0.34 -2.05
CA ASN A 16 -4.88 -1.29 -2.33
C ASN A 16 -4.29 -2.62 -2.82
N GLU A 17 -3.18 -2.54 -3.54
CA GLU A 17 -2.54 -3.73 -4.07
C GLU A 17 -2.25 -4.73 -2.96
N CYS A 18 -1.48 -4.30 -1.96
CA CYS A 18 -1.13 -5.16 -0.84
C CYS A 18 -1.95 -4.79 0.40
N GLY A 19 -2.05 -3.50 0.68
CA GLY A 19 -2.81 -3.04 1.83
C GLY A 19 -1.93 -2.39 2.87
N LYS A 20 -0.88 -1.71 2.43
CA LYS A 20 0.04 -1.03 3.33
C LYS A 20 -0.49 0.33 3.74
N VAL A 21 0.18 0.97 4.70
CA VAL A 21 -0.23 2.28 5.17
C VAL A 21 0.96 3.23 5.26
N PHE A 22 0.77 4.46 4.78
CA PHE A 22 1.83 5.46 4.80
C PHE A 22 1.30 6.79 5.34
N THR A 23 2.19 7.55 5.98
CA THR A 23 1.82 8.84 6.53
C THR A 23 1.70 9.90 5.45
N GLN A 24 2.72 9.99 4.60
CA GLN A 24 2.73 10.96 3.52
C GLN A 24 2.39 10.29 2.19
N ASN A 25 1.70 11.02 1.32
CA ASN A 25 1.32 10.50 0.01
C ASN A 25 2.54 10.06 -0.78
N SER A 26 3.56 10.91 -0.79
CA SER A 26 4.79 10.61 -1.51
C SER A 26 5.27 9.20 -1.21
N HIS A 27 5.17 8.80 0.06
CA HIS A 27 5.59 7.47 0.48
C HIS A 27 4.74 6.39 -0.17
N LEU A 28 3.47 6.71 -0.41
CA LEU A 28 2.56 5.76 -1.04
C LEU A 28 2.70 5.79 -2.55
N THR A 29 2.34 6.92 -3.16
CA THR A 29 2.44 7.08 -4.60
C THR A 29 3.70 6.43 -5.15
N ASN A 30 4.72 6.32 -4.30
CA ASN A 30 5.99 5.72 -4.70
C ASN A 30 5.94 4.20 -4.52
N HIS A 31 5.47 3.75 -3.36
CA HIS A 31 5.38 2.34 -3.07
C HIS A 31 4.79 1.57 -4.25
N TRP A 32 3.59 1.96 -4.68
CA TRP A 32 2.92 1.32 -5.80
C TRP A 32 3.93 0.90 -6.87
N ARG A 33 4.97 1.70 -7.04
CA ARG A 33 6.01 1.42 -8.02
C ARG A 33 6.43 -0.04 -7.97
N ILE A 34 6.69 -0.53 -6.77
CA ILE A 34 7.10 -1.92 -6.58
C ILE A 34 6.05 -2.88 -7.13
N HIS A 35 4.79 -2.49 -7.03
CA HIS A 35 3.69 -3.32 -7.52
C HIS A 35 3.66 -3.32 -9.04
N THR A 36 4.01 -2.18 -9.64
CA THR A 36 4.01 -2.06 -11.09
C THR A 36 5.31 -2.60 -11.69
N GLY A 37 5.73 -3.77 -11.22
CA GLY A 37 6.95 -4.39 -11.71
C GLY A 37 6.77 -5.85 -12.05
N GLU A 38 5.83 -6.51 -11.38
CA GLU A 38 5.56 -7.92 -11.62
C GLU A 38 4.57 -8.10 -12.75
N LYS A 39 4.76 -7.35 -13.82
CA LYS A 39 3.87 -7.42 -14.99
C LYS A 39 2.43 -7.70 -14.56
N PRO A 40 1.91 -6.85 -13.66
CA PRO A 40 0.54 -6.99 -13.15
C PRO A 40 -0.51 -6.67 -14.22
N SER A 41 -0.04 -6.36 -15.42
CA SER A 41 -0.93 -6.04 -16.52
C SER A 41 -1.24 -7.28 -17.37
N GLY A 42 -2.41 -7.29 -18.00
CA GLY A 42 -2.80 -8.42 -18.82
C GLY A 42 -4.20 -8.28 -19.37
N PRO A 43 -5.19 -8.79 -18.63
CA PRO A 43 -6.60 -8.72 -19.04
C PRO A 43 -7.16 -7.31 -18.98
N SER A 44 -8.26 -7.07 -19.70
CA SER A 44 -8.88 -5.76 -19.74
C SER A 44 -7.90 -4.70 -20.24
N SER A 45 -7.15 -5.05 -21.28
CA SER A 45 -6.17 -4.13 -21.86
C SER A 45 -6.82 -2.80 -22.21
N GLY A 46 -7.96 -2.87 -22.90
CA GLY A 46 -8.67 -1.67 -23.29
C GLY A 46 -9.53 -1.88 -24.52
N GLY A 1 -22.07 -3.10 20.78
CA GLY A 1 -20.74 -3.52 21.18
C GLY A 1 -19.74 -3.45 20.05
N SER A 2 -19.00 -2.35 19.97
CA SER A 2 -18.01 -2.17 18.91
C SER A 2 -16.81 -1.36 19.43
N SER A 3 -15.63 -1.68 18.92
CA SER A 3 -14.41 -0.99 19.32
C SER A 3 -13.77 -0.27 18.14
N GLY A 4 -13.43 0.99 18.35
CA GLY A 4 -12.82 1.78 17.30
C GLY A 4 -11.56 2.49 17.75
N SER A 5 -11.65 3.19 18.88
CA SER A 5 -10.50 3.91 19.41
C SER A 5 -9.37 2.95 19.76
N SER A 6 -8.14 3.36 19.48
CA SER A 6 -6.97 2.54 19.76
C SER A 6 -5.69 3.31 19.50
N GLY A 7 -4.61 2.90 20.17
CA GLY A 7 -3.33 3.57 20.00
C GLY A 7 -2.95 3.75 18.54
N SER A 8 -2.52 2.65 17.91
CA SER A 8 -2.13 2.69 16.50
C SER A 8 -3.32 3.02 15.62
N GLY A 9 -3.32 4.24 15.07
CA GLY A 9 -4.41 4.65 14.20
C GLY A 9 -4.03 4.58 12.73
N GLU A 10 -5.00 4.22 11.89
CA GLU A 10 -4.77 4.12 10.45
C GLU A 10 -4.53 5.49 9.85
N LYS A 11 -3.92 5.51 8.66
CA LYS A 11 -3.63 6.76 7.96
C LYS A 11 -4.52 6.91 6.73
N PRO A 12 -4.63 8.15 6.24
CA PRO A 12 -5.45 8.47 5.05
C PRO A 12 -4.85 7.90 3.77
N TYR A 13 -3.62 7.41 3.86
CA TYR A 13 -2.93 6.84 2.70
C TYR A 13 -2.74 5.34 2.88
N LYS A 14 -3.36 4.56 2.00
CA LYS A 14 -3.26 3.11 2.05
C LYS A 14 -3.19 2.52 0.64
N CYS A 15 -2.39 1.47 0.49
CA CYS A 15 -2.24 0.82 -0.81
C CYS A 15 -3.34 -0.22 -1.02
N ASN A 16 -4.18 0.03 -2.02
CA ASN A 16 -5.28 -0.89 -2.34
C ASN A 16 -4.80 -2.02 -3.23
N GLU A 17 -3.50 -2.31 -3.17
CA GLU A 17 -2.92 -3.38 -3.99
C GLU A 17 -2.52 -4.56 -3.11
N CYS A 18 -2.00 -4.27 -1.93
CA CYS A 18 -1.58 -5.32 -1.00
C CYS A 18 -2.13 -5.06 0.40
N GLY A 19 -2.08 -3.80 0.82
CA GLY A 19 -2.58 -3.44 2.13
C GLY A 19 -1.52 -2.75 2.99
N LYS A 20 -0.93 -1.70 2.45
CA LYS A 20 0.10 -0.96 3.17
C LYS A 20 -0.41 0.39 3.62
N VAL A 21 0.21 0.95 4.65
CA VAL A 21 -0.20 2.25 5.19
C VAL A 21 1.01 3.16 5.37
N PHE A 22 0.88 4.40 4.90
CA PHE A 22 1.96 5.38 5.01
C PHE A 22 1.46 6.67 5.66
N THR A 23 2.39 7.56 5.98
CA THR A 23 2.05 8.82 6.61
C THR A 23 2.00 9.95 5.58
N GLN A 24 2.81 9.82 4.53
CA GLN A 24 2.85 10.83 3.48
C GLN A 24 2.32 10.27 2.17
N ASN A 25 1.89 11.16 1.27
CA ASN A 25 1.36 10.75 -0.02
C ASN A 25 2.45 10.15 -0.89
N SER A 26 3.61 10.80 -0.93
CA SER A 26 4.72 10.33 -1.73
C SER A 26 5.04 8.87 -1.41
N HIS A 27 5.05 8.54 -0.12
CA HIS A 27 5.33 7.18 0.31
C HIS A 27 4.35 6.18 -0.31
N LEU A 28 3.09 6.59 -0.40
CA LEU A 28 2.06 5.73 -0.97
C LEU A 28 2.17 5.69 -2.50
N THR A 29 1.93 6.84 -3.13
CA THR A 29 2.01 6.93 -4.58
C THR A 29 3.30 6.31 -5.11
N ASN A 30 4.37 6.45 -4.33
CA ASN A 30 5.67 5.89 -4.72
C ASN A 30 5.70 4.38 -4.52
N HIS A 31 5.20 3.94 -3.37
CA HIS A 31 5.18 2.51 -3.05
C HIS A 31 4.69 1.70 -4.24
N TRP A 32 3.51 2.04 -4.75
CA TRP A 32 2.94 1.34 -5.89
C TRP A 32 4.03 0.89 -6.85
N ARG A 33 5.04 1.74 -7.03
CA ARG A 33 6.14 1.43 -7.93
C ARG A 33 6.65 0.01 -7.70
N ILE A 34 6.92 -0.32 -6.43
CA ILE A 34 7.41 -1.65 -6.08
C ILE A 34 6.58 -2.73 -6.75
N HIS A 35 5.28 -2.49 -6.88
CA HIS A 35 4.38 -3.46 -7.49
C HIS A 35 4.60 -3.50 -9.01
N THR A 36 4.81 -2.34 -9.61
CA THR A 36 5.03 -2.25 -11.05
C THR A 36 6.50 -2.40 -11.39
N GLY A 37 6.92 -3.63 -11.66
CA GLY A 37 8.31 -3.89 -12.00
C GLY A 37 8.53 -5.30 -12.52
N GLU A 38 9.74 -5.57 -12.99
CA GLU A 38 10.07 -6.89 -13.52
C GLU A 38 10.62 -7.81 -12.43
N LYS A 39 9.98 -7.77 -11.26
CA LYS A 39 10.39 -8.59 -10.13
C LYS A 39 9.19 -9.24 -9.47
N PRO A 40 8.42 -10.00 -10.26
CA PRO A 40 7.23 -10.71 -9.76
C PRO A 40 7.58 -11.86 -8.82
N SER A 41 7.00 -11.83 -7.63
CA SER A 41 7.25 -12.86 -6.63
C SER A 41 6.15 -13.91 -6.64
N GLY A 42 6.53 -15.18 -6.51
CA GLY A 42 5.55 -16.25 -6.50
C GLY A 42 6.07 -17.49 -5.80
N PRO A 43 6.62 -18.43 -6.60
CA PRO A 43 7.15 -19.69 -6.07
C PRO A 43 8.43 -19.48 -5.27
N SER A 44 8.86 -18.23 -5.16
CA SER A 44 10.07 -17.89 -4.42
C SER A 44 10.07 -18.56 -3.05
N SER A 45 11.05 -19.43 -2.81
CA SER A 45 11.17 -20.14 -1.54
C SER A 45 12.05 -19.36 -0.57
N GLY A 46 11.42 -18.74 0.42
CA GLY A 46 12.17 -17.98 1.41
C GLY A 46 12.46 -16.57 0.95
N GLY A 1 3.16 -15.68 20.31
CA GLY A 1 4.22 -14.69 20.21
C GLY A 1 3.70 -13.28 20.40
N SER A 2 3.52 -12.89 21.66
CA SER A 2 3.02 -11.54 21.97
C SER A 2 3.75 -10.49 21.15
N SER A 3 2.99 -9.72 20.38
CA SER A 3 3.56 -8.67 19.55
C SER A 3 2.87 -7.33 19.79
N GLY A 4 3.61 -6.39 20.33
CA GLY A 4 3.05 -5.07 20.62
C GLY A 4 2.52 -4.39 19.37
N SER A 5 1.22 -4.53 19.13
CA SER A 5 0.59 -3.92 17.96
C SER A 5 0.03 -2.54 18.30
N SER A 6 0.04 -1.66 17.31
CA SER A 6 -0.47 -0.30 17.50
C SER A 6 -1.18 0.19 16.25
N GLY A 7 -2.21 1.01 16.45
CA GLY A 7 -2.96 1.55 15.33
C GLY A 7 -4.09 2.46 15.76
N SER A 8 -3.85 3.76 15.71
CA SER A 8 -4.85 4.75 16.11
C SER A 8 -6.04 4.73 15.15
N GLY A 9 -5.76 4.48 13.87
CA GLY A 9 -6.82 4.45 12.87
C GLY A 9 -6.28 4.27 11.47
N GLU A 10 -7.16 4.41 10.48
CA GLU A 10 -6.77 4.27 9.09
C GLU A 10 -6.32 5.60 8.50
N LYS A 11 -5.08 5.63 8.02
CA LYS A 11 -4.52 6.85 7.43
C LYS A 11 -5.15 7.13 6.07
N PRO A 12 -5.13 8.41 5.67
CA PRO A 12 -5.69 8.84 4.38
C PRO A 12 -4.87 8.35 3.19
N TYR A 13 -3.83 7.58 3.48
CA TYR A 13 -2.96 7.05 2.44
C TYR A 13 -2.65 5.57 2.68
N LYS A 14 -3.44 4.70 2.05
CA LYS A 14 -3.25 3.26 2.20
C LYS A 14 -3.31 2.57 0.84
N CYS A 15 -2.42 1.60 0.65
CA CYS A 15 -2.37 0.86 -0.61
C CYS A 15 -3.43 -0.24 -0.64
N ASN A 16 -4.05 -0.43 -1.80
CA ASN A 16 -5.08 -1.44 -1.96
C ASN A 16 -4.52 -2.69 -2.63
N GLU A 17 -3.47 -2.51 -3.42
CA GLU A 17 -2.84 -3.61 -4.12
C GLU A 17 -2.43 -4.71 -3.15
N CYS A 18 -1.87 -4.30 -2.02
CA CYS A 18 -1.42 -5.24 -1.00
C CYS A 18 -2.05 -4.91 0.36
N GLY A 19 -2.00 -3.65 0.74
CA GLY A 19 -2.57 -3.23 2.01
C GLY A 19 -1.56 -2.49 2.88
N LYS A 20 -0.61 -1.82 2.24
CA LYS A 20 0.42 -1.08 2.96
C LYS A 20 -0.13 0.25 3.48
N VAL A 21 0.56 0.83 4.45
CA VAL A 21 0.14 2.10 5.03
C VAL A 21 1.30 3.07 5.15
N PHE A 22 1.03 4.35 4.97
CA PHE A 22 2.06 5.38 5.05
C PHE A 22 1.50 6.66 5.64
N THR A 23 2.39 7.49 6.18
CA THR A 23 1.99 8.76 6.79
C THR A 23 1.73 9.82 5.73
N GLN A 24 2.71 10.05 4.87
CA GLN A 24 2.59 11.04 3.81
C GLN A 24 1.99 10.42 2.55
N ASN A 25 1.72 11.25 1.55
CA ASN A 25 1.15 10.78 0.30
C ASN A 25 2.24 10.28 -0.63
N SER A 26 3.31 11.05 -0.74
CA SER A 26 4.44 10.67 -1.60
C SER A 26 4.96 9.29 -1.25
N HIS A 27 4.80 8.91 0.01
CA HIS A 27 5.25 7.60 0.48
C HIS A 27 4.45 6.48 -0.17
N LEU A 28 3.14 6.68 -0.28
CA LEU A 28 2.25 5.69 -0.87
C LEU A 28 2.47 5.60 -2.38
N THR A 29 2.27 6.72 -3.07
CA THR A 29 2.44 6.79 -4.51
C THR A 29 3.70 6.05 -4.95
N ASN A 30 4.79 6.29 -4.23
CA ASN A 30 6.07 5.65 -4.54
C ASN A 30 5.96 4.13 -4.43
N HIS A 31 5.45 3.66 -3.29
CA HIS A 31 5.28 2.24 -3.06
C HIS A 31 4.77 1.53 -4.32
N TRP A 32 3.64 2.00 -4.83
CA TRP A 32 3.04 1.42 -6.03
C TRP A 32 4.12 0.94 -7.00
N ARG A 33 5.22 1.69 -7.06
CA ARG A 33 6.32 1.33 -7.95
C ARG A 33 6.61 -0.16 -7.88
N ILE A 34 6.75 -0.68 -6.67
CA ILE A 34 7.05 -2.09 -6.47
C ILE A 34 5.97 -2.97 -7.10
N HIS A 35 4.73 -2.49 -7.07
CA HIS A 35 3.61 -3.23 -7.65
C HIS A 35 3.70 -3.25 -9.17
N THR A 36 4.13 -2.13 -9.74
CA THR A 36 4.26 -2.01 -11.19
C THR A 36 5.49 -1.21 -11.57
N GLY A 37 6.44 -1.87 -12.23
CA GLY A 37 7.66 -1.20 -12.64
C GLY A 37 7.60 -0.72 -14.08
N GLU A 38 8.63 0.01 -14.50
CA GLU A 38 8.69 0.54 -15.86
C GLU A 38 9.63 -0.31 -16.72
N LYS A 39 9.09 -0.87 -17.80
CA LYS A 39 9.87 -1.69 -18.72
C LYS A 39 10.63 -2.76 -17.95
N PRO A 40 9.90 -3.56 -17.15
CA PRO A 40 10.49 -4.64 -16.36
C PRO A 40 10.97 -5.80 -17.23
N SER A 41 10.10 -6.28 -18.10
CA SER A 41 10.44 -7.38 -18.98
C SER A 41 9.99 -7.11 -20.41
N GLY A 42 10.87 -6.48 -21.19
CA GLY A 42 10.55 -6.15 -22.57
C GLY A 42 11.57 -5.25 -23.21
N PRO A 43 12.63 -5.86 -23.77
CA PRO A 43 13.71 -5.12 -24.44
C PRO A 43 13.25 -4.47 -25.74
N SER A 44 12.70 -3.27 -25.64
CA SER A 44 12.22 -2.54 -26.81
C SER A 44 13.33 -1.71 -27.43
N SER A 45 13.04 -1.09 -28.57
CA SER A 45 14.03 -0.28 -29.27
C SER A 45 13.58 1.18 -29.32
N GLY A 46 14.55 2.10 -29.32
CA GLY A 46 14.24 3.51 -29.36
C GLY A 46 13.75 3.96 -30.72
N GLY A 1 -10.02 -19.77 11.46
CA GLY A 1 -9.82 -18.49 10.80
C GLY A 1 -9.25 -17.44 11.74
N SER A 2 -8.03 -16.99 11.45
CA SER A 2 -7.38 -15.98 12.27
C SER A 2 -7.76 -14.58 11.83
N SER A 3 -8.05 -13.72 12.81
CA SER A 3 -8.45 -12.35 12.53
C SER A 3 -7.22 -11.47 12.26
N GLY A 4 -6.20 -11.63 13.11
CA GLY A 4 -4.98 -10.85 12.96
C GLY A 4 -5.06 -9.52 13.69
N SER A 5 -5.16 -8.43 12.92
CA SER A 5 -5.23 -7.10 13.51
C SER A 5 -6.00 -6.15 12.60
N SER A 6 -6.39 -5.01 13.15
CA SER A 6 -7.14 -4.01 12.38
C SER A 6 -6.20 -2.94 11.82
N GLY A 7 -5.06 -3.39 11.30
CA GLY A 7 -4.10 -2.47 10.73
C GLY A 7 -3.79 -1.31 11.65
N SER A 8 -2.94 -1.55 12.64
CA SER A 8 -2.57 -0.51 13.60
C SER A 8 -2.21 0.78 12.88
N GLY A 9 -2.73 1.90 13.39
CA GLY A 9 -2.46 3.19 12.78
C GLY A 9 -3.15 3.35 11.44
N GLU A 10 -4.36 3.87 11.45
CA GLU A 10 -5.12 4.08 10.23
C GLU A 10 -4.86 5.47 9.65
N LYS A 11 -4.30 5.50 8.44
CA LYS A 11 -3.99 6.76 7.78
C LYS A 11 -4.82 6.93 6.51
N PRO A 12 -4.92 8.17 6.02
CA PRO A 12 -5.68 8.50 4.82
C PRO A 12 -5.03 7.95 3.56
N TYR A 13 -3.92 7.23 3.73
CA TYR A 13 -3.20 6.66 2.61
C TYR A 13 -3.03 5.15 2.78
N LYS A 14 -3.59 4.39 1.84
CA LYS A 14 -3.51 2.94 1.88
C LYS A 14 -3.26 2.37 0.48
N CYS A 15 -2.46 1.31 0.42
CA CYS A 15 -2.14 0.67 -0.85
C CYS A 15 -3.02 -0.56 -1.08
N ASN A 16 -4.27 -0.32 -1.45
CA ASN A 16 -5.21 -1.41 -1.71
C ASN A 16 -4.50 -2.59 -2.35
N GLU A 17 -3.55 -2.30 -3.24
CA GLU A 17 -2.81 -3.35 -3.92
C GLU A 17 -2.42 -4.48 -2.96
N CYS A 18 -1.59 -4.15 -1.99
CA CYS A 18 -1.15 -5.12 -1.00
C CYS A 18 -1.82 -4.88 0.35
N GLY A 19 -1.94 -3.61 0.71
CA GLY A 19 -2.57 -3.27 1.99
C GLY A 19 -1.62 -2.53 2.92
N LYS A 20 -0.74 -1.72 2.34
CA LYS A 20 0.23 -0.96 3.12
C LYS A 20 -0.34 0.40 3.51
N VAL A 21 0.18 0.97 4.60
CA VAL A 21 -0.27 2.26 5.07
C VAL A 21 0.90 3.20 5.34
N PHE A 22 0.78 4.45 4.91
CA PHE A 22 1.83 5.44 5.10
C PHE A 22 1.27 6.72 5.70
N THR A 23 2.16 7.65 6.05
CA THR A 23 1.75 8.92 6.64
C THR A 23 1.78 10.03 5.59
N GLN A 24 2.68 9.91 4.62
CA GLN A 24 2.80 10.91 3.56
C GLN A 24 2.45 10.31 2.20
N ASN A 25 1.77 11.10 1.37
CA ASN A 25 1.38 10.64 0.04
C ASN A 25 2.59 10.14 -0.75
N SER A 26 3.59 11.00 -0.88
CA SER A 26 4.81 10.64 -1.62
C SER A 26 5.22 9.21 -1.32
N HIS A 27 5.14 8.82 -0.05
CA HIS A 27 5.51 7.48 0.37
C HIS A 27 4.64 6.44 -0.34
N LEU A 28 3.34 6.69 -0.39
CA LEU A 28 2.40 5.78 -1.05
C LEU A 28 2.60 5.79 -2.55
N THR A 29 2.28 6.91 -3.19
CA THR A 29 2.42 7.04 -4.63
C THR A 29 3.72 6.42 -5.12
N ASN A 30 4.72 6.37 -4.24
CA ASN A 30 6.01 5.79 -4.58
C ASN A 30 6.00 4.28 -4.41
N HIS A 31 5.55 3.82 -3.25
CA HIS A 31 5.47 2.40 -2.97
C HIS A 31 4.89 1.63 -4.15
N TRP A 32 3.72 2.07 -4.60
CA TRP A 32 3.04 1.44 -5.72
C TRP A 32 4.04 0.96 -6.76
N ARG A 33 5.16 1.66 -6.86
CA ARG A 33 6.22 1.30 -7.82
C ARG A 33 6.44 -0.21 -7.83
N ILE A 34 6.77 -0.77 -6.68
CA ILE A 34 7.01 -2.20 -6.55
C ILE A 34 5.86 -3.00 -7.14
N HIS A 35 4.67 -2.41 -7.13
CA HIS A 35 3.48 -3.07 -7.67
C HIS A 35 3.36 -2.85 -9.18
N THR A 36 3.74 -1.65 -9.62
CA THR A 36 3.67 -1.31 -11.04
C THR A 36 4.76 -2.02 -11.82
N GLY A 37 4.36 -2.95 -12.68
CA GLY A 37 5.31 -3.69 -13.48
C GLY A 37 4.65 -4.70 -14.40
N GLU A 38 5.44 -5.36 -15.23
CA GLU A 38 4.92 -6.35 -16.16
C GLU A 38 5.07 -7.76 -15.60
N LYS A 39 5.66 -7.86 -14.41
CA LYS A 39 5.86 -9.15 -13.76
C LYS A 39 5.45 -9.09 -12.30
N PRO A 40 4.19 -8.69 -12.05
CA PRO A 40 3.64 -8.59 -10.69
C PRO A 40 3.45 -9.95 -10.05
N SER A 41 2.78 -10.85 -10.75
CA SER A 41 2.52 -12.19 -10.25
C SER A 41 2.30 -12.16 -8.74
N GLY A 42 1.54 -11.17 -8.27
CA GLY A 42 1.26 -11.05 -6.85
C GLY A 42 2.46 -11.38 -5.99
N PRO A 43 2.22 -11.74 -4.73
CA PRO A 43 3.28 -12.08 -3.78
C PRO A 43 3.95 -13.42 -4.12
N SER A 44 4.94 -13.80 -3.33
CA SER A 44 5.66 -15.04 -3.55
C SER A 44 4.71 -16.22 -3.63
N SER A 45 4.46 -16.69 -4.85
CA SER A 45 3.56 -17.82 -5.07
C SER A 45 4.34 -19.09 -5.39
N GLY A 46 5.33 -18.96 -6.28
CA GLY A 46 6.13 -20.10 -6.67
C GLY A 46 5.29 -21.23 -7.23
N GLY A 1 -16.93 -5.83 25.67
CA GLY A 1 -16.11 -4.93 24.86
C GLY A 1 -16.68 -3.54 24.77
N SER A 2 -17.14 -3.02 25.90
CA SER A 2 -17.73 -1.68 25.94
C SER A 2 -16.81 -0.66 25.27
N SER A 3 -15.61 -0.52 25.80
CA SER A 3 -14.64 0.43 25.25
C SER A 3 -13.91 -0.18 24.05
N GLY A 4 -13.63 0.65 23.05
CA GLY A 4 -12.95 0.18 21.86
C GLY A 4 -12.78 1.26 20.82
N SER A 5 -12.30 2.42 21.25
CA SER A 5 -12.09 3.54 20.34
C SER A 5 -10.69 4.13 20.50
N SER A 6 -9.70 3.26 20.63
CA SER A 6 -8.32 3.70 20.80
C SER A 6 -7.44 3.17 19.67
N GLY A 7 -6.17 3.57 19.68
CA GLY A 7 -5.25 3.13 18.65
C GLY A 7 -5.46 3.86 17.33
N SER A 8 -4.73 4.95 17.14
CA SER A 8 -4.85 5.74 15.92
C SER A 8 -4.41 4.93 14.71
N GLY A 9 -5.15 5.06 13.61
CA GLY A 9 -4.82 4.34 12.40
C GLY A 9 -5.74 4.68 11.24
N GLU A 10 -5.86 3.77 10.29
CA GLU A 10 -6.71 3.98 9.12
C GLU A 10 -6.32 5.27 8.39
N LYS A 11 -5.03 5.55 8.36
CA LYS A 11 -4.53 6.75 7.69
C LYS A 11 -5.26 6.98 6.37
N PRO A 12 -5.24 8.24 5.91
CA PRO A 12 -5.90 8.62 4.64
C PRO A 12 -5.18 8.05 3.43
N TYR A 13 -4.14 7.26 3.67
CA TYR A 13 -3.37 6.66 2.59
C TYR A 13 -3.15 5.16 2.84
N LYS A 14 -3.70 4.34 1.96
CA LYS A 14 -3.57 2.89 2.08
C LYS A 14 -3.46 2.24 0.71
N CYS A 15 -2.46 1.38 0.55
CA CYS A 15 -2.24 0.69 -0.72
C CYS A 15 -3.15 -0.54 -0.83
N ASN A 16 -4.35 -0.34 -1.35
CA ASN A 16 -5.31 -1.42 -1.51
C ASN A 16 -4.66 -2.62 -2.20
N GLU A 17 -3.75 -2.33 -3.13
CA GLU A 17 -3.06 -3.39 -3.86
C GLU A 17 -2.63 -4.51 -2.92
N CYS A 18 -1.77 -4.18 -1.97
CA CYS A 18 -1.27 -5.15 -1.01
C CYS A 18 -1.88 -4.91 0.37
N GLY A 19 -1.98 -3.65 0.76
CA GLY A 19 -2.54 -3.31 2.05
C GLY A 19 -1.52 -2.64 2.97
N LYS A 20 -0.84 -1.62 2.44
CA LYS A 20 0.15 -0.89 3.21
C LYS A 20 -0.39 0.47 3.65
N VAL A 21 0.24 1.04 4.68
CA VAL A 21 -0.18 2.33 5.19
C VAL A 21 1.02 3.26 5.39
N PHE A 22 0.86 4.51 4.99
CA PHE A 22 1.94 5.49 5.12
C PHE A 22 1.41 6.79 5.73
N THR A 23 2.34 7.65 6.16
CA THR A 23 1.98 8.92 6.76
C THR A 23 1.86 10.02 5.71
N GLN A 24 2.75 9.97 4.72
CA GLN A 24 2.76 10.97 3.66
C GLN A 24 2.14 10.41 2.38
N ASN A 25 1.99 11.26 1.38
CA ASN A 25 1.42 10.84 0.10
C ASN A 25 2.47 10.24 -0.81
N SER A 26 3.61 10.91 -0.91
CA SER A 26 4.71 10.44 -1.75
C SER A 26 5.08 9.00 -1.41
N HIS A 27 5.05 8.69 -0.11
CA HIS A 27 5.38 7.34 0.35
C HIS A 27 4.50 6.30 -0.32
N LEU A 28 3.20 6.59 -0.40
CA LEU A 28 2.25 5.67 -1.03
C LEU A 28 2.43 5.65 -2.55
N THR A 29 2.50 6.83 -3.14
CA THR A 29 2.68 6.95 -4.59
C THR A 29 3.94 6.24 -5.05
N ASN A 30 5.00 6.36 -4.27
CA ASN A 30 6.27 5.72 -4.60
C ASN A 30 6.17 4.20 -4.46
N HIS A 31 5.61 3.75 -3.34
CA HIS A 31 5.45 2.32 -3.09
C HIS A 31 4.88 1.61 -4.31
N TRP A 32 3.75 2.09 -4.81
CA TRP A 32 3.12 1.50 -5.97
C TRP A 32 4.17 1.05 -7.00
N ARG A 33 5.31 1.72 -6.99
CA ARG A 33 6.39 1.38 -7.92
C ARG A 33 6.64 -0.12 -7.93
N ILE A 34 6.90 -0.69 -6.76
CA ILE A 34 7.16 -2.12 -6.63
C ILE A 34 6.05 -2.94 -7.28
N HIS A 35 4.87 -2.33 -7.40
CA HIS A 35 3.72 -3.00 -8.00
C HIS A 35 3.69 -2.76 -9.50
N THR A 36 4.04 -1.56 -9.92
CA THR A 36 4.04 -1.20 -11.33
C THR A 36 5.37 -1.56 -11.99
N GLY A 37 5.48 -2.79 -12.46
CA GLY A 37 6.71 -3.23 -13.11
C GLY A 37 6.46 -4.33 -14.12
N GLU A 38 7.49 -5.13 -14.37
CA GLU A 38 7.39 -6.22 -15.34
C GLU A 38 7.34 -7.57 -14.62
N LYS A 39 6.44 -8.44 -15.08
CA LYS A 39 6.30 -9.77 -14.49
C LYS A 39 6.56 -9.73 -12.99
N PRO A 40 5.84 -8.85 -12.28
CA PRO A 40 5.97 -8.70 -10.83
C PRO A 40 5.43 -9.91 -10.06
N SER A 41 4.98 -10.91 -10.79
CA SER A 41 4.44 -12.11 -10.19
C SER A 41 5.57 -12.98 -9.60
N GLY A 42 5.26 -13.66 -8.51
CA GLY A 42 6.25 -14.51 -7.87
C GLY A 42 5.62 -15.64 -7.08
N PRO A 43 5.41 -15.41 -5.77
CA PRO A 43 4.82 -16.41 -4.88
C PRO A 43 3.34 -16.63 -5.17
N SER A 44 3.04 -17.69 -5.92
CA SER A 44 1.67 -18.02 -6.27
C SER A 44 1.38 -19.50 -6.04
N SER A 45 0.27 -19.79 -5.39
CA SER A 45 -0.11 -21.17 -5.11
C SER A 45 -1.62 -21.28 -4.91
N GLY A 46 -2.18 -22.42 -5.30
CA GLY A 46 -3.61 -22.65 -5.16
C GLY A 46 -3.95 -24.09 -4.87
N GLY A 1 -9.84 -10.79 32.13
CA GLY A 1 -9.84 -9.56 31.36
C GLY A 1 -8.44 -9.02 31.12
N SER A 2 -8.16 -7.83 31.62
CA SER A 2 -6.85 -7.21 31.45
C SER A 2 -6.60 -6.86 29.99
N SER A 3 -7.64 -6.33 29.33
CA SER A 3 -7.54 -5.95 27.93
C SER A 3 -7.15 -4.48 27.79
N GLY A 4 -6.82 -4.08 26.56
CA GLY A 4 -6.44 -2.70 26.32
C GLY A 4 -5.93 -2.48 24.90
N SER A 5 -6.51 -1.49 24.21
CA SER A 5 -6.11 -1.20 22.84
C SER A 5 -6.81 0.07 22.34
N SER A 6 -6.04 0.96 21.72
CA SER A 6 -6.57 2.22 21.21
C SER A 6 -5.50 2.99 20.45
N GLY A 7 -5.67 3.07 19.13
CA GLY A 7 -4.71 3.79 18.31
C GLY A 7 -5.36 4.88 17.50
N SER A 8 -5.04 6.14 17.82
CA SER A 8 -5.60 7.28 17.12
C SER A 8 -4.69 7.70 15.97
N GLY A 9 -5.21 7.64 14.75
CA GLY A 9 -4.43 8.02 13.59
C GLY A 9 -5.12 7.65 12.28
N GLU A 10 -5.49 8.66 11.50
CA GLU A 10 -6.15 8.43 10.23
C GLU A 10 -5.15 8.03 9.15
N LYS A 11 -5.60 7.20 8.21
CA LYS A 11 -4.76 6.74 7.12
C LYS A 11 -5.18 7.34 5.79
N PRO A 12 -4.76 8.59 5.54
CA PRO A 12 -5.09 9.32 4.31
C PRO A 12 -4.38 8.73 3.10
N TYR A 13 -3.65 7.64 3.30
CA TYR A 13 -2.92 6.99 2.23
C TYR A 13 -2.65 5.52 2.57
N LYS A 14 -3.37 4.63 1.90
CA LYS A 14 -3.21 3.19 2.12
C LYS A 14 -3.34 2.42 0.81
N CYS A 15 -2.35 1.58 0.54
CA CYS A 15 -2.36 0.78 -0.69
C CYS A 15 -3.48 -0.26 -0.66
N ASN A 16 -3.82 -0.78 -1.83
CA ASN A 16 -4.88 -1.78 -1.94
C ASN A 16 -4.32 -3.10 -2.44
N GLU A 17 -3.34 -3.03 -3.33
CA GLU A 17 -2.72 -4.23 -3.89
C GLU A 17 -2.29 -5.20 -2.78
N CYS A 18 -1.73 -4.64 -1.71
CA CYS A 18 -1.28 -5.44 -0.59
C CYS A 18 -2.01 -5.04 0.70
N GLY A 19 -2.18 -3.73 0.90
CA GLY A 19 -2.86 -3.25 2.07
C GLY A 19 -1.92 -2.49 3.01
N LYS A 20 -0.79 -2.06 2.48
CA LYS A 20 0.19 -1.32 3.28
C LYS A 20 -0.35 0.06 3.66
N VAL A 21 0.14 0.60 4.78
CA VAL A 21 -0.29 1.91 5.24
C VAL A 21 0.89 2.87 5.31
N PHE A 22 0.64 4.12 4.95
CA PHE A 22 1.68 5.15 4.98
C PHE A 22 1.17 6.43 5.64
N THR A 23 2.08 7.38 5.83
CA THR A 23 1.73 8.65 6.46
C THR A 23 1.71 9.77 5.44
N GLN A 24 2.78 9.89 4.66
CA GLN A 24 2.89 10.92 3.64
C GLN A 24 2.50 10.38 2.27
N ASN A 25 1.90 11.25 1.45
CA ASN A 25 1.47 10.86 0.12
C ASN A 25 2.66 10.43 -0.73
N SER A 26 3.78 11.13 -0.57
CA SER A 26 4.99 10.82 -1.32
C SER A 26 5.49 9.40 -1.01
N HIS A 27 4.87 8.78 -0.01
CA HIS A 27 5.24 7.43 0.38
C HIS A 27 4.31 6.40 -0.23
N LEU A 28 3.06 6.80 -0.43
CA LEU A 28 2.05 5.91 -1.02
C LEU A 28 2.26 5.76 -2.52
N THR A 29 2.16 6.88 -3.23
CA THR A 29 2.34 6.88 -4.68
C THR A 29 3.68 6.29 -5.07
N ASN A 30 4.67 6.43 -4.18
CA ASN A 30 6.00 5.90 -4.44
C ASN A 30 6.02 4.39 -4.27
N HIS A 31 5.31 3.89 -3.27
CA HIS A 31 5.25 2.45 -3.01
C HIS A 31 4.72 1.70 -4.22
N TRP A 32 3.57 2.14 -4.72
CA TRP A 32 2.94 1.51 -5.87
C TRP A 32 3.99 1.16 -6.93
N ARG A 33 5.11 1.87 -6.91
CA ARG A 33 6.19 1.63 -7.86
C ARG A 33 6.56 0.16 -7.91
N ILE A 34 6.69 -0.46 -6.73
CA ILE A 34 7.03 -1.86 -6.64
C ILE A 34 5.91 -2.75 -7.18
N HIS A 35 4.74 -2.16 -7.36
CA HIS A 35 3.59 -2.89 -7.86
C HIS A 35 3.47 -2.73 -9.38
N THR A 36 3.98 -1.61 -9.89
CA THR A 36 3.92 -1.33 -11.32
C THR A 36 5.10 -0.49 -11.76
N GLY A 37 5.94 -1.04 -12.63
CA GLY A 37 7.10 -0.32 -13.12
C GLY A 37 8.29 -1.23 -13.35
N GLU A 38 8.06 -2.33 -14.05
CA GLU A 38 9.14 -3.29 -14.33
C GLU A 38 10.06 -2.76 -15.43
N LYS A 39 11.15 -2.12 -15.02
CA LYS A 39 12.10 -1.57 -15.97
C LYS A 39 12.31 -2.51 -17.15
N PRO A 40 12.78 -3.73 -16.84
CA PRO A 40 13.02 -4.76 -17.86
C PRO A 40 11.73 -5.28 -18.48
N SER A 41 11.52 -4.98 -19.76
CA SER A 41 10.32 -5.42 -20.47
C SER A 41 10.69 -6.06 -21.80
N GLY A 42 11.71 -6.91 -21.78
CA GLY A 42 12.14 -7.58 -22.99
C GLY A 42 13.56 -8.11 -22.89
N PRO A 43 14.09 -8.59 -24.02
CA PRO A 43 15.45 -9.14 -24.08
C PRO A 43 16.51 -8.06 -23.92
N SER A 44 16.08 -6.83 -23.69
CA SER A 44 17.00 -5.71 -23.53
C SER A 44 18.27 -6.14 -22.80
N SER A 45 19.41 -5.96 -23.46
CA SER A 45 20.69 -6.34 -22.88
C SER A 45 21.11 -5.35 -21.80
N GLY A 46 21.51 -5.89 -20.65
CA GLY A 46 21.94 -5.04 -19.54
C GLY A 46 21.16 -5.33 -18.27
N GLY A 1 -14.98 -13.43 24.32
CA GLY A 1 -14.28 -12.40 23.56
C GLY A 1 -15.19 -11.28 23.12
N SER A 2 -14.60 -10.20 22.61
CA SER A 2 -15.37 -9.05 22.15
C SER A 2 -14.66 -8.34 21.01
N SER A 3 -15.43 -7.63 20.18
CA SER A 3 -14.88 -6.92 19.04
C SER A 3 -14.78 -5.42 19.33
N GLY A 4 -13.57 -4.87 19.22
CA GLY A 4 -13.38 -3.46 19.47
C GLY A 4 -12.94 -2.71 18.24
N SER A 5 -12.75 -1.40 18.38
CA SER A 5 -12.33 -0.56 17.25
C SER A 5 -11.05 0.19 17.58
N SER A 6 -10.28 0.52 16.54
CA SER A 6 -9.03 1.23 16.72
C SER A 6 -9.25 2.56 17.43
N GLY A 7 -10.26 3.31 16.98
CA GLY A 7 -10.56 4.59 17.58
C GLY A 7 -9.92 5.74 16.83
N SER A 8 -8.63 5.94 17.07
CA SER A 8 -7.90 7.03 16.42
C SER A 8 -6.57 6.51 15.85
N GLY A 9 -6.62 5.36 15.19
CA GLY A 9 -5.42 4.78 14.62
C GLY A 9 -5.63 4.36 13.17
N GLU A 10 -5.57 5.34 12.26
CA GLU A 10 -5.75 5.06 10.84
C GLU A 10 -5.26 6.23 9.99
N LYS A 11 -4.84 5.93 8.77
CA LYS A 11 -4.34 6.95 7.85
C LYS A 11 -5.14 6.94 6.54
N PRO A 12 -5.35 8.14 5.98
CA PRO A 12 -6.09 8.30 4.72
C PRO A 12 -5.32 7.76 3.52
N TYR A 13 -4.13 7.20 3.78
CA TYR A 13 -3.30 6.65 2.73
C TYR A 13 -3.05 5.17 2.95
N LYS A 14 -3.63 4.34 2.09
CA LYS A 14 -3.46 2.89 2.20
C LYS A 14 -3.43 2.25 0.82
N CYS A 15 -2.36 1.51 0.54
CA CYS A 15 -2.20 0.83 -0.74
C CYS A 15 -3.33 -0.16 -0.97
N ASN A 16 -4.14 0.10 -2.00
CA ASN A 16 -5.27 -0.77 -2.33
C ASN A 16 -4.82 -1.92 -3.23
N GLU A 17 -3.59 -2.39 -3.02
CA GLU A 17 -3.04 -3.48 -3.82
C GLU A 17 -2.49 -4.58 -2.92
N CYS A 18 -1.93 -4.18 -1.79
CA CYS A 18 -1.36 -5.13 -0.84
C CYS A 18 -1.91 -4.90 0.56
N GLY A 19 -2.10 -3.64 0.92
CA GLY A 19 -2.62 -3.31 2.24
C GLY A 19 -1.61 -2.56 3.09
N LYS A 20 -0.72 -1.82 2.44
CA LYS A 20 0.31 -1.06 3.15
C LYS A 20 -0.21 0.33 3.52
N VAL A 21 0.39 0.92 4.54
CA VAL A 21 0.00 2.26 5.00
C VAL A 21 1.21 3.15 5.18
N PHE A 22 1.05 4.43 4.86
CA PHE A 22 2.14 5.39 5.00
C PHE A 22 1.63 6.69 5.63
N THR A 23 2.57 7.56 6.00
CA THR A 23 2.23 8.84 6.61
C THR A 23 1.80 9.86 5.57
N GLN A 24 2.68 10.10 4.59
CA GLN A 24 2.39 11.05 3.52
C GLN A 24 2.09 10.33 2.22
N ASN A 25 1.56 11.07 1.25
CA ASN A 25 1.22 10.50 -0.05
C ASN A 25 2.49 10.16 -0.84
N SER A 26 3.37 11.14 -0.97
CA SER A 26 4.62 10.94 -1.70
C SER A 26 5.26 9.60 -1.34
N HIS A 27 4.91 9.08 -0.17
CA HIS A 27 5.44 7.81 0.29
C HIS A 27 4.64 6.64 -0.28
N LEU A 28 3.32 6.82 -0.33
CA LEU A 28 2.43 5.79 -0.85
C LEU A 28 2.66 5.57 -2.34
N THR A 29 2.48 6.63 -3.12
CA THR A 29 2.67 6.55 -4.57
C THR A 29 4.02 5.93 -4.92
N ASN A 30 5.02 6.18 -4.08
CA ASN A 30 6.35 5.65 -4.29
C ASN A 30 6.36 4.13 -4.17
N HIS A 31 5.58 3.62 -3.22
CA HIS A 31 5.49 2.17 -3.01
C HIS A 31 4.89 1.47 -4.22
N TRP A 32 3.69 1.90 -4.60
CA TRP A 32 3.00 1.30 -5.75
C TRP A 32 4.00 0.93 -6.84
N ARG A 33 5.07 1.70 -6.94
CA ARG A 33 6.10 1.45 -7.94
C ARG A 33 6.48 -0.03 -7.99
N ILE A 34 6.75 -0.60 -6.81
CA ILE A 34 7.11 -2.01 -6.71
C ILE A 34 6.04 -2.90 -7.31
N HIS A 35 4.78 -2.46 -7.22
CA HIS A 35 3.66 -3.21 -7.75
C HIS A 35 3.61 -3.11 -9.28
N THR A 36 3.97 -1.94 -9.79
CA THR A 36 3.96 -1.71 -11.24
C THR A 36 5.31 -2.03 -11.86
N GLY A 37 5.35 -3.07 -12.67
CA GLY A 37 6.59 -3.48 -13.32
C GLY A 37 6.50 -4.86 -13.94
N GLU A 38 5.78 -4.96 -15.05
CA GLU A 38 5.61 -6.23 -15.74
C GLU A 38 6.72 -6.42 -16.77
N LYS A 39 7.95 -6.55 -16.29
CA LYS A 39 9.11 -6.76 -17.17
C LYS A 39 8.76 -7.70 -18.31
N PRO A 40 8.37 -8.93 -17.96
CA PRO A 40 8.00 -9.96 -18.94
C PRO A 40 6.68 -9.64 -19.65
N SER A 41 6.44 -10.32 -20.77
CA SER A 41 5.23 -10.10 -21.54
C SER A 41 4.09 -10.97 -21.01
N GLY A 42 2.92 -10.37 -20.84
CA GLY A 42 1.77 -11.11 -20.33
C GLY A 42 0.77 -11.43 -21.43
N PRO A 43 -0.49 -11.67 -21.03
CA PRO A 43 -1.56 -12.01 -21.97
C PRO A 43 -1.98 -10.81 -22.83
N SER A 44 -1.33 -9.68 -22.59
CA SER A 44 -1.62 -8.46 -23.34
C SER A 44 -0.39 -7.57 -23.45
N SER A 45 0.05 -7.33 -24.68
CA SER A 45 1.23 -6.50 -24.93
C SER A 45 0.95 -5.06 -24.54
N GLY A 46 -0.15 -4.50 -25.03
CA GLY A 46 -0.50 -3.13 -24.72
C GLY A 46 0.30 -2.13 -25.55
N GLY A 1 -22.51 2.60 15.48
CA GLY A 1 -21.19 2.80 16.04
C GLY A 1 -21.13 3.97 16.99
N SER A 2 -20.85 5.16 16.43
CA SER A 2 -20.75 6.36 17.24
C SER A 2 -20.00 6.11 18.54
N SER A 3 -18.91 5.33 18.44
CA SER A 3 -18.10 5.01 19.60
C SER A 3 -16.61 5.12 19.28
N GLY A 4 -15.87 5.76 20.19
CA GLY A 4 -14.44 5.93 19.99
C GLY A 4 -14.05 7.39 19.81
N SER A 5 -13.29 7.91 20.76
CA SER A 5 -12.85 9.30 20.70
C SER A 5 -11.51 9.42 19.98
N SER A 6 -11.58 9.46 18.65
CA SER A 6 -10.38 9.57 17.82
C SER A 6 -10.73 9.85 16.36
N GLY A 7 -9.94 10.70 15.73
CA GLY A 7 -10.18 11.04 14.33
C GLY A 7 -10.04 9.84 13.41
N SER A 8 -9.36 10.04 12.29
CA SER A 8 -9.17 8.97 11.31
C SER A 8 -8.00 8.07 11.72
N GLY A 9 -8.31 7.04 12.50
CA GLY A 9 -7.28 6.12 12.95
C GLY A 9 -6.36 5.69 11.83
N GLU A 10 -6.93 5.29 10.70
CA GLU A 10 -6.16 4.84 9.55
C GLU A 10 -5.80 6.02 8.66
N LYS A 11 -4.52 6.11 8.29
CA LYS A 11 -4.04 7.19 7.44
C LYS A 11 -4.87 7.27 6.15
N PRO A 12 -4.99 8.48 5.60
CA PRO A 12 -5.73 8.73 4.37
C PRO A 12 -5.04 8.13 3.14
N TYR A 13 -3.92 7.47 3.36
CA TYR A 13 -3.16 6.86 2.28
C TYR A 13 -2.82 5.41 2.60
N LYS A 14 -3.52 4.48 1.95
CA LYS A 14 -3.29 3.06 2.17
C LYS A 14 -3.39 2.29 0.86
N CYS A 15 -2.30 1.60 0.50
CA CYS A 15 -2.26 0.83 -0.74
C CYS A 15 -3.42 -0.16 -0.80
N ASN A 16 -3.83 -0.52 -2.01
CA ASN A 16 -4.92 -1.45 -2.21
C ASN A 16 -4.41 -2.80 -2.71
N GLU A 17 -3.26 -2.79 -3.36
CA GLU A 17 -2.66 -4.00 -3.89
C GLU A 17 -2.31 -4.97 -2.77
N CYS A 18 -1.70 -4.45 -1.71
CA CYS A 18 -1.30 -5.26 -0.57
C CYS A 18 -2.03 -4.82 0.69
N GLY A 19 -2.18 -3.51 0.86
CA GLY A 19 -2.85 -2.98 2.02
C GLY A 19 -1.91 -2.26 2.97
N LYS A 20 -0.72 -1.92 2.47
CA LYS A 20 0.28 -1.22 3.28
C LYS A 20 -0.13 0.22 3.51
N VAL A 21 0.05 0.69 4.75
CA VAL A 21 -0.30 2.07 5.10
C VAL A 21 0.95 2.92 5.29
N PHE A 22 0.85 4.19 4.96
CA PHE A 22 1.97 5.12 5.09
C PHE A 22 1.53 6.41 5.76
N THR A 23 2.49 7.31 5.99
CA THR A 23 2.20 8.59 6.62
C THR A 23 1.93 9.67 5.59
N GLN A 24 2.93 9.95 4.75
CA GLN A 24 2.80 10.96 3.71
C GLN A 24 2.45 10.33 2.37
N ASN A 25 1.75 11.07 1.53
CA ASN A 25 1.35 10.58 0.22
C ASN A 25 2.57 10.28 -0.65
N SER A 26 3.60 11.11 -0.52
CA SER A 26 4.83 10.94 -1.28
C SER A 26 5.44 9.56 -1.04
N HIS A 27 4.95 8.89 0.00
CA HIS A 27 5.44 7.56 0.35
C HIS A 27 4.61 6.48 -0.34
N LEU A 28 3.32 6.72 -0.45
CA LEU A 28 2.42 5.77 -1.09
C LEU A 28 2.53 5.84 -2.62
N THR A 29 2.21 7.01 -3.16
CA THR A 29 2.28 7.22 -4.61
C THR A 29 3.55 6.60 -5.19
N ASN A 30 4.58 6.47 -4.36
CA ASN A 30 5.84 5.91 -4.79
C ASN A 30 5.89 4.41 -4.52
N HIS A 31 5.17 3.97 -3.49
CA HIS A 31 5.13 2.57 -3.12
C HIS A 31 4.60 1.72 -4.28
N TRP A 32 3.51 2.18 -4.89
CA TRP A 32 2.90 1.47 -6.00
C TRP A 32 3.95 1.01 -6.99
N ARG A 33 5.11 1.66 -6.97
CA ARG A 33 6.20 1.31 -7.87
C ARG A 33 6.53 -0.17 -7.78
N ILE A 34 6.74 -0.66 -6.56
CA ILE A 34 7.06 -2.07 -6.35
C ILE A 34 5.94 -2.97 -6.85
N HIS A 35 4.78 -2.38 -7.12
CA HIS A 35 3.64 -3.12 -7.62
C HIS A 35 3.57 -3.07 -9.15
N THR A 36 3.89 -1.91 -9.71
CA THR A 36 3.87 -1.73 -11.15
C THR A 36 5.17 -2.20 -11.79
N GLY A 37 5.06 -2.93 -12.88
CA GLY A 37 6.24 -3.43 -13.57
C GLY A 37 6.38 -4.94 -13.48
N GLU A 38 5.28 -5.64 -13.74
CA GLU A 38 5.29 -7.10 -13.68
C GLU A 38 5.24 -7.71 -15.08
N LYS A 39 5.95 -8.81 -15.27
CA LYS A 39 5.99 -9.48 -16.56
C LYS A 39 4.58 -9.67 -17.12
N PRO A 40 3.73 -10.38 -16.36
CA PRO A 40 2.35 -10.64 -16.76
C PRO A 40 1.49 -9.39 -16.71
N SER A 41 1.32 -8.73 -17.85
CA SER A 41 0.53 -7.52 -17.94
C SER A 41 -0.93 -7.80 -17.58
N GLY A 42 -1.55 -8.71 -18.32
CA GLY A 42 -2.93 -9.06 -18.06
C GLY A 42 -3.25 -9.14 -16.58
N PRO A 43 -4.48 -8.74 -16.21
CA PRO A 43 -4.92 -8.76 -14.82
C PRO A 43 -5.11 -10.18 -14.29
N SER A 44 -5.58 -10.29 -13.04
CA SER A 44 -5.79 -11.59 -12.41
C SER A 44 -6.51 -12.54 -13.36
N SER A 45 -7.75 -12.19 -13.70
CA SER A 45 -8.55 -13.01 -14.60
C SER A 45 -8.46 -12.51 -16.03
N GLY A 46 -8.51 -13.43 -16.99
CA GLY A 46 -8.44 -13.06 -18.39
C GLY A 46 -8.41 -14.26 -19.31
N GLY A 1 -13.44 -16.28 11.13
CA GLY A 1 -14.23 -15.29 11.86
C GLY A 1 -13.78 -13.86 11.56
N SER A 2 -14.21 -12.93 12.40
CA SER A 2 -13.85 -11.52 12.22
C SER A 2 -12.46 -11.23 12.78
N SER A 3 -11.54 -10.86 11.90
CA SER A 3 -10.16 -10.56 12.30
C SER A 3 -9.87 -9.08 12.14
N GLY A 4 -10.17 -8.30 13.18
CA GLY A 4 -9.92 -6.87 13.13
C GLY A 4 -10.01 -6.23 14.49
N SER A 5 -9.47 -5.01 14.60
CA SER A 5 -9.48 -4.28 15.86
C SER A 5 -10.88 -3.77 16.18
N SER A 6 -11.53 -3.17 15.19
CA SER A 6 -12.87 -2.62 15.36
C SER A 6 -12.84 -1.37 16.23
N GLY A 7 -11.86 -0.50 15.99
CA GLY A 7 -11.74 0.72 16.76
C GLY A 7 -11.75 1.95 15.88
N SER A 8 -11.75 3.13 16.51
CA SER A 8 -11.78 4.39 15.79
C SER A 8 -10.38 4.73 15.26
N GLY A 9 -10.33 5.17 14.01
CA GLY A 9 -9.05 5.53 13.40
C GLY A 9 -8.93 5.05 11.96
N GLU A 10 -8.30 5.87 11.13
CA GLU A 10 -8.12 5.52 9.72
C GLU A 10 -7.10 6.44 9.06
N LYS A 11 -6.31 5.88 8.16
CA LYS A 11 -5.29 6.65 7.44
C LYS A 11 -5.77 7.04 6.05
N PRO A 12 -5.54 8.31 5.67
CA PRO A 12 -5.94 8.82 4.36
C PRO A 12 -5.10 8.24 3.23
N TYR A 13 -4.08 7.47 3.59
CA TYR A 13 -3.20 6.86 2.60
C TYR A 13 -3.01 5.38 2.90
N LYS A 14 -3.64 4.53 2.09
CA LYS A 14 -3.53 3.08 2.27
C LYS A 14 -3.54 2.37 0.92
N CYS A 15 -2.47 1.63 0.64
CA CYS A 15 -2.36 0.89 -0.61
C CYS A 15 -3.47 -0.14 -0.74
N ASN A 16 -3.72 -0.58 -1.96
CA ASN A 16 -4.75 -1.58 -2.22
C ASN A 16 -4.14 -2.92 -2.64
N GLU A 17 -3.11 -2.84 -3.47
CA GLU A 17 -2.43 -4.04 -3.95
C GLU A 17 -2.12 -4.99 -2.79
N CYS A 18 -1.41 -4.48 -1.79
CA CYS A 18 -1.05 -5.27 -0.63
C CYS A 18 -1.87 -4.87 0.59
N GLY A 19 -2.02 -3.56 0.79
CA GLY A 19 -2.79 -3.06 1.91
C GLY A 19 -1.91 -2.38 2.96
N LYS A 20 -0.84 -1.74 2.49
CA LYS A 20 0.08 -1.04 3.38
C LYS A 20 -0.46 0.34 3.76
N VAL A 21 0.23 1.02 4.66
CA VAL A 21 -0.18 2.34 5.09
C VAL A 21 1.03 3.28 5.23
N PHE A 22 0.85 4.53 4.83
CA PHE A 22 1.91 5.52 4.90
C PHE A 22 1.38 6.86 5.40
N THR A 23 2.22 7.58 6.15
CA THR A 23 1.83 8.87 6.69
C THR A 23 1.80 9.94 5.60
N GLN A 24 2.81 9.92 4.72
CA GLN A 24 2.89 10.89 3.64
C GLN A 24 2.50 10.24 2.31
N ASN A 25 1.91 11.04 1.42
CA ASN A 25 1.49 10.55 0.11
C ASN A 25 2.68 10.05 -0.69
N SER A 26 3.73 10.86 -0.75
CA SER A 26 4.94 10.49 -1.49
C SER A 26 5.32 9.05 -1.21
N HIS A 27 5.18 8.62 0.04
CA HIS A 27 5.51 7.26 0.43
C HIS A 27 4.61 6.25 -0.26
N LEU A 28 3.31 6.56 -0.30
CA LEU A 28 2.35 5.68 -0.94
C LEU A 28 2.52 5.68 -2.46
N THR A 29 2.38 6.85 -3.07
CA THR A 29 2.52 6.99 -4.52
C THR A 29 3.81 6.35 -5.00
N ASN A 30 4.83 6.34 -4.14
CA ASN A 30 6.11 5.74 -4.49
C ASN A 30 6.06 4.22 -4.38
N HIS A 31 5.54 3.73 -3.26
CA HIS A 31 5.42 2.29 -3.04
C HIS A 31 4.80 1.60 -4.25
N TRP A 32 3.60 2.03 -4.61
CA TRP A 32 2.89 1.45 -5.75
C TRP A 32 3.87 1.08 -6.86
N ARG A 33 4.92 1.87 -7.01
CA ARG A 33 5.93 1.63 -8.04
C ARG A 33 6.26 0.15 -8.13
N ILE A 34 6.63 -0.44 -7.00
CA ILE A 34 6.97 -1.85 -6.96
C ILE A 34 5.84 -2.71 -7.51
N HIS A 35 4.61 -2.30 -7.24
CA HIS A 35 3.44 -3.03 -7.72
C HIS A 35 3.29 -2.91 -9.23
N THR A 36 3.53 -1.70 -9.75
CA THR A 36 3.43 -1.44 -11.17
C THR A 36 4.63 -2.00 -11.92
N GLY A 37 4.52 -3.25 -12.39
CA GLY A 37 5.60 -3.87 -13.12
C GLY A 37 5.12 -5.00 -14.00
N GLU A 38 5.10 -6.21 -13.46
CA GLU A 38 4.66 -7.38 -14.22
C GLU A 38 3.13 -7.45 -14.27
N LYS A 39 2.62 -8.19 -15.25
CA LYS A 39 1.18 -8.35 -15.41
C LYS A 39 0.82 -9.81 -15.67
N PRO A 40 1.21 -10.69 -14.74
CA PRO A 40 0.94 -12.13 -14.85
C PRO A 40 -0.55 -12.45 -14.67
N SER A 41 -0.87 -13.74 -14.65
CA SER A 41 -2.24 -14.18 -14.48
C SER A 41 -2.90 -13.48 -13.30
N GLY A 42 -4.23 -13.45 -13.29
CA GLY A 42 -4.96 -12.81 -12.21
C GLY A 42 -5.91 -11.74 -12.71
N PRO A 43 -6.45 -10.94 -11.78
CA PRO A 43 -7.37 -9.86 -12.10
C PRO A 43 -6.69 -8.70 -12.83
N SER A 44 -5.40 -8.87 -13.10
CA SER A 44 -4.63 -7.83 -13.79
C SER A 44 -5.49 -7.12 -14.83
N SER A 45 -5.64 -5.81 -14.65
CA SER A 45 -6.45 -5.00 -15.57
C SER A 45 -5.59 -4.46 -16.71
N GLY A 46 -5.43 -5.28 -17.75
CA GLY A 46 -4.64 -4.87 -18.90
C GLY A 46 -4.90 -5.74 -20.12
N GLY A 1 -22.55 -15.95 22.99
CA GLY A 1 -22.00 -14.66 22.63
C GLY A 1 -20.49 -14.61 22.72
N SER A 2 -19.83 -15.19 21.72
CA SER A 2 -18.36 -15.22 21.70
C SER A 2 -17.84 -14.72 20.36
N SER A 3 -16.91 -13.77 20.41
CA SER A 3 -16.33 -13.20 19.21
C SER A 3 -14.93 -12.66 19.48
N GLY A 4 -14.27 -12.18 18.42
CA GLY A 4 -12.93 -11.63 18.58
C GLY A 4 -12.48 -10.86 17.35
N SER A 5 -11.83 -9.72 17.59
CA SER A 5 -11.36 -8.87 16.50
C SER A 5 -10.34 -7.86 17.02
N SER A 6 -9.35 -7.55 16.18
CA SER A 6 -8.31 -6.59 16.55
C SER A 6 -7.82 -5.84 15.32
N GLY A 7 -7.18 -4.69 15.57
CA GLY A 7 -6.68 -3.88 14.47
C GLY A 7 -7.12 -2.44 14.56
N SER A 8 -6.17 -1.53 14.78
CA SER A 8 -6.48 -0.11 14.89
C SER A 8 -5.32 0.74 14.38
N GLY A 9 -5.66 1.84 13.69
CA GLY A 9 -4.63 2.71 13.16
C GLY A 9 -4.73 2.85 11.66
N GLU A 10 -5.82 3.47 11.19
CA GLU A 10 -6.03 3.66 9.76
C GLU A 10 -5.60 5.07 9.34
N LYS A 11 -5.08 5.17 8.12
CA LYS A 11 -4.63 6.46 7.59
C LYS A 11 -5.30 6.76 6.26
N PRO A 12 -5.33 8.05 5.89
CA PRO A 12 -5.94 8.52 4.64
C PRO A 12 -5.14 8.08 3.42
N TYR A 13 -4.03 7.39 3.65
CA TYR A 13 -3.18 6.91 2.57
C TYR A 13 -2.81 5.44 2.76
N LYS A 14 -3.54 4.57 2.11
CA LYS A 14 -3.28 3.13 2.21
C LYS A 14 -3.25 2.49 0.82
N CYS A 15 -2.25 1.65 0.59
CA CYS A 15 -2.10 0.97 -0.70
C CYS A 15 -3.21 -0.05 -0.89
N ASN A 16 -4.09 0.22 -1.84
CA ASN A 16 -5.20 -0.67 -2.14
C ASN A 16 -4.77 -1.78 -3.11
N GLU A 17 -3.50 -2.16 -3.03
CA GLU A 17 -2.96 -3.20 -3.89
C GLU A 17 -2.48 -4.40 -3.07
N CYS A 18 -1.89 -4.12 -1.91
CA CYS A 18 -1.39 -5.17 -1.04
C CYS A 18 -1.91 -4.99 0.39
N GLY A 19 -1.92 -3.75 0.86
CA GLY A 19 -2.40 -3.46 2.20
C GLY A 19 -1.37 -2.77 3.05
N LYS A 20 -0.62 -1.84 2.45
CA LYS A 20 0.41 -1.11 3.15
C LYS A 20 -0.11 0.26 3.60
N VAL A 21 0.49 0.80 4.67
CA VAL A 21 0.08 2.10 5.20
C VAL A 21 1.27 3.05 5.26
N PHE A 22 1.01 4.33 4.99
CA PHE A 22 2.06 5.34 5.02
C PHE A 22 1.54 6.63 5.66
N THR A 23 2.44 7.60 5.81
CA THR A 23 2.08 8.89 6.40
C THR A 23 1.74 9.91 5.33
N GLN A 24 2.69 10.18 4.45
CA GLN A 24 2.49 11.15 3.38
C GLN A 24 2.25 10.44 2.05
N ASN A 25 1.34 10.98 1.25
CA ASN A 25 1.03 10.40 -0.05
C ASN A 25 2.29 9.94 -0.77
N SER A 26 3.25 10.84 -0.90
CA SER A 26 4.51 10.54 -1.56
C SER A 26 4.97 9.12 -1.23
N HIS A 27 4.94 8.79 0.06
CA HIS A 27 5.36 7.47 0.52
C HIS A 27 4.54 6.37 -0.15
N LEU A 28 3.23 6.58 -0.22
CA LEU A 28 2.32 5.61 -0.83
C LEU A 28 2.53 5.56 -2.34
N THR A 29 2.18 6.64 -3.02
CA THR A 29 2.33 6.73 -4.47
C THR A 29 3.66 6.13 -4.91
N ASN A 30 4.67 6.23 -4.05
CA ASN A 30 5.99 5.70 -4.37
C ASN A 30 6.01 4.19 -4.25
N HIS A 31 5.41 3.66 -3.19
CA HIS A 31 5.35 2.22 -2.97
C HIS A 31 4.86 1.50 -4.22
N TRP A 32 3.73 1.94 -4.74
CA TRP A 32 3.14 1.34 -5.93
C TRP A 32 4.23 0.92 -6.92
N ARG A 33 5.34 1.66 -6.91
CA ARG A 33 6.46 1.37 -7.80
C ARG A 33 6.73 -0.13 -7.87
N ILE A 34 6.83 -0.75 -6.69
CA ILE A 34 7.09 -2.19 -6.61
C ILE A 34 5.95 -2.98 -7.23
N HIS A 35 4.76 -2.41 -7.22
CA HIS A 35 3.58 -3.07 -7.77
C HIS A 35 3.55 -2.94 -9.30
N THR A 36 4.00 -1.79 -9.79
CA THR A 36 4.03 -1.54 -11.24
C THR A 36 5.21 -2.26 -11.89
N GLY A 37 6.36 -2.22 -11.23
CA GLY A 37 7.55 -2.87 -11.77
C GLY A 37 7.94 -2.32 -13.13
N GLU A 38 8.91 -2.97 -13.76
CA GLU A 38 9.38 -2.54 -15.07
C GLU A 38 8.63 -3.26 -16.19
N LYS A 39 7.55 -2.65 -16.65
CA LYS A 39 6.74 -3.22 -17.72
C LYS A 39 6.39 -2.17 -18.77
N PRO A 40 7.42 -1.55 -19.35
CA PRO A 40 7.26 -0.52 -20.38
C PRO A 40 6.74 -1.09 -21.69
N SER A 41 5.46 -0.90 -21.95
CA SER A 41 4.85 -1.40 -23.18
C SER A 41 5.72 -1.12 -24.39
N GLY A 42 5.71 -2.03 -25.35
CA GLY A 42 6.52 -1.87 -26.54
C GLY A 42 5.87 -2.49 -27.77
N PRO A 43 4.95 -1.75 -28.41
CA PRO A 43 4.25 -2.22 -29.60
C PRO A 43 5.16 -2.30 -30.82
N SER A 44 5.76 -3.47 -31.03
CA SER A 44 6.65 -3.69 -32.16
C SER A 44 5.87 -4.03 -33.42
N SER A 45 6.02 -3.20 -34.45
CA SER A 45 5.32 -3.43 -35.71
C SER A 45 6.24 -4.11 -36.72
N GLY A 46 6.27 -5.44 -36.67
CA GLY A 46 7.11 -6.19 -37.59
C GLY A 46 8.58 -5.95 -37.36
N GLY A 1 -11.57 -7.35 28.28
CA GLY A 1 -10.45 -7.01 27.41
C GLY A 1 -10.85 -6.98 25.95
N SER A 2 -10.18 -7.79 25.14
CA SER A 2 -10.46 -7.84 23.71
C SER A 2 -10.41 -6.45 23.10
N SER A 3 -9.43 -5.66 23.50
CA SER A 3 -9.26 -4.30 22.99
C SER A 3 -7.97 -4.18 22.18
N GLY A 4 -8.07 -3.52 21.02
CA GLY A 4 -6.90 -3.34 20.18
C GLY A 4 -6.38 -1.93 20.22
N SER A 5 -6.21 -1.33 19.04
CA SER A 5 -5.71 0.04 18.94
C SER A 5 -6.68 0.93 18.18
N SER A 6 -7.97 0.78 18.49
CA SER A 6 -9.00 1.57 17.83
C SER A 6 -8.82 3.05 18.12
N GLY A 7 -9.10 3.89 17.12
CA GLY A 7 -8.97 5.32 17.29
C GLY A 7 -9.39 6.09 16.05
N SER A 8 -8.39 6.58 15.30
CA SER A 8 -8.67 7.35 14.09
C SER A 8 -8.74 6.43 12.88
N GLY A 9 -9.42 5.29 13.04
CA GLY A 9 -9.54 4.34 11.95
C GLY A 9 -8.26 4.20 11.15
N GLU A 10 -8.37 4.30 9.83
CA GLU A 10 -7.21 4.17 8.95
C GLU A 10 -6.79 5.54 8.41
N LYS A 11 -5.55 5.63 7.96
CA LYS A 11 -5.02 6.88 7.41
C LYS A 11 -5.60 7.15 6.02
N PRO A 12 -5.51 8.41 5.58
CA PRO A 12 -6.01 8.83 4.27
C PRO A 12 -5.19 8.26 3.13
N TYR A 13 -4.21 7.45 3.46
CA TYR A 13 -3.34 6.84 2.46
C TYR A 13 -3.11 5.36 2.74
N LYS A 14 -3.73 4.51 1.93
CA LYS A 14 -3.59 3.07 2.09
C LYS A 14 -3.54 2.37 0.74
N CYS A 15 -2.58 1.46 0.59
CA CYS A 15 -2.43 0.72 -0.67
C CYS A 15 -3.50 -0.36 -0.79
N ASN A 16 -3.84 -0.70 -2.03
CA ASN A 16 -4.86 -1.72 -2.29
C ASN A 16 -4.22 -2.99 -2.83
N GLU A 17 -3.13 -2.83 -3.58
CA GLU A 17 -2.43 -3.99 -4.15
C GLU A 17 -2.09 -5.01 -3.07
N CYS A 18 -1.50 -4.52 -1.98
CA CYS A 18 -1.11 -5.39 -0.88
C CYS A 18 -1.80 -4.96 0.42
N GLY A 19 -1.80 -3.66 0.68
CA GLY A 19 -2.43 -3.15 1.88
C GLY A 19 -1.42 -2.61 2.88
N LYS A 20 -0.99 -1.36 2.68
CA LYS A 20 -0.02 -0.74 3.57
C LYS A 20 -0.37 0.73 3.80
N VAL A 21 -0.05 1.22 5.00
CA VAL A 21 -0.33 2.60 5.35
C VAL A 21 0.96 3.41 5.46
N PHE A 22 0.90 4.67 5.05
CA PHE A 22 2.05 5.55 5.10
C PHE A 22 1.71 6.88 5.75
N THR A 23 2.72 7.57 6.26
CA THR A 23 2.52 8.86 6.92
C THR A 23 2.17 9.94 5.90
N GLN A 24 2.92 9.99 4.81
CA GLN A 24 2.69 10.98 3.76
C GLN A 24 2.16 10.32 2.50
N ASN A 25 1.72 11.14 1.55
CA ASN A 25 1.18 10.63 0.29
C ASN A 25 2.31 10.14 -0.62
N SER A 26 3.38 10.92 -0.71
CA SER A 26 4.52 10.57 -1.55
C SER A 26 4.99 9.15 -1.25
N HIS A 27 5.12 8.83 0.04
CA HIS A 27 5.57 7.51 0.45
C HIS A 27 4.77 6.42 -0.25
N LEU A 28 3.45 6.60 -0.31
CA LEU A 28 2.58 5.63 -0.96
C LEU A 28 2.82 5.60 -2.46
N THR A 29 2.66 6.75 -3.11
CA THR A 29 2.86 6.85 -4.55
C THR A 29 4.12 6.10 -4.98
N ASN A 30 5.19 6.27 -4.22
CA ASN A 30 6.45 5.61 -4.53
C ASN A 30 6.34 4.10 -4.34
N HIS A 31 5.57 3.69 -3.34
CA HIS A 31 5.37 2.28 -3.05
C HIS A 31 4.72 1.57 -4.23
N TRP A 32 3.50 1.99 -4.57
CA TRP A 32 2.76 1.40 -5.67
C TRP A 32 3.70 1.01 -6.81
N ARG A 33 4.79 1.77 -6.95
CA ARG A 33 5.77 1.51 -8.00
C ARG A 33 6.11 0.03 -8.07
N ILE A 34 6.49 -0.54 -6.94
CA ILE A 34 6.85 -1.96 -6.87
C ILE A 34 5.73 -2.84 -7.44
N HIS A 35 4.50 -2.31 -7.40
CA HIS A 35 3.35 -3.04 -7.91
C HIS A 35 3.17 -2.80 -9.40
N THR A 36 3.44 -1.57 -9.84
CA THR A 36 3.31 -1.21 -11.24
C THR A 36 4.65 -1.29 -11.96
N GLY A 37 4.86 -2.36 -12.72
CA GLY A 37 6.10 -2.52 -13.44
C GLY A 37 6.15 -3.82 -14.22
N GLU A 38 7.35 -4.26 -14.57
CA GLU A 38 7.53 -5.50 -15.32
C GLU A 38 7.58 -6.70 -14.38
N LYS A 39 6.51 -6.87 -13.60
CA LYS A 39 6.43 -7.99 -12.66
C LYS A 39 7.82 -8.38 -12.15
N PRO A 40 8.55 -7.39 -11.61
CA PRO A 40 9.90 -7.61 -11.08
C PRO A 40 9.89 -8.44 -9.80
N SER A 41 8.93 -8.15 -8.92
CA SER A 41 8.82 -8.87 -7.65
C SER A 41 7.35 -9.07 -7.27
N GLY A 42 6.99 -10.30 -6.94
CA GLY A 42 5.61 -10.59 -6.55
C GLY A 42 5.50 -11.90 -5.80
N PRO A 43 4.27 -12.22 -5.36
CA PRO A 43 4.00 -13.45 -4.62
C PRO A 43 4.11 -14.70 -5.49
N SER A 44 4.09 -15.87 -4.86
CA SER A 44 4.19 -17.13 -5.59
C SER A 44 2.89 -17.91 -5.51
N SER A 45 2.33 -18.24 -6.66
CA SER A 45 1.08 -18.99 -6.73
C SER A 45 1.25 -20.40 -6.18
N GLY A 46 0.16 -21.00 -5.72
CA GLY A 46 0.22 -22.34 -5.17
C GLY A 46 -0.52 -23.35 -6.03
N GLY A 1 -8.33 -19.49 14.17
CA GLY A 1 -8.17 -18.13 13.73
C GLY A 1 -8.66 -17.12 14.75
N SER A 2 -8.26 -15.86 14.59
CA SER A 2 -8.66 -14.81 15.52
C SER A 2 -8.43 -13.43 14.90
N SER A 3 -9.46 -12.60 14.90
CA SER A 3 -9.37 -11.26 14.34
C SER A 3 -8.72 -10.30 15.34
N GLY A 4 -7.40 -10.14 15.22
CA GLY A 4 -6.68 -9.26 16.12
C GLY A 4 -5.55 -8.53 15.42
N SER A 5 -5.50 -7.22 15.59
CA SER A 5 -4.45 -6.41 14.97
C SER A 5 -3.78 -5.50 16.00
N SER A 6 -2.51 -5.77 16.27
CA SER A 6 -1.75 -5.00 17.24
C SER A 6 -2.04 -3.51 17.09
N GLY A 7 -1.86 -2.99 15.88
CA GLY A 7 -2.12 -1.58 15.64
C GLY A 7 -2.84 -1.35 14.32
N SER A 8 -4.12 -0.98 14.42
CA SER A 8 -4.92 -0.74 13.23
C SER A 8 -4.29 0.33 12.35
N GLY A 9 -4.16 1.54 12.89
CA GLY A 9 -3.56 2.63 12.14
C GLY A 9 -4.48 3.16 11.04
N GLU A 10 -5.18 4.25 11.33
CA GLU A 10 -6.10 4.84 10.37
C GLU A 10 -5.45 6.04 9.68
N LYS A 11 -4.62 5.74 8.68
CA LYS A 11 -3.93 6.79 7.92
C LYS A 11 -4.74 7.18 6.68
N PRO A 12 -4.62 8.46 6.29
CA PRO A 12 -5.33 8.98 5.12
C PRO A 12 -4.78 8.43 3.81
N TYR A 13 -3.79 7.55 3.92
CA TYR A 13 -3.17 6.94 2.74
C TYR A 13 -2.86 5.47 2.99
N LYS A 14 -3.51 4.61 2.22
CA LYS A 14 -3.31 3.17 2.35
C LYS A 14 -3.35 2.49 0.99
N CYS A 15 -2.35 1.64 0.73
CA CYS A 15 -2.27 0.93 -0.54
C CYS A 15 -3.36 -0.14 -0.63
N ASN A 16 -4.08 -0.16 -1.75
CA ASN A 16 -5.15 -1.13 -1.97
C ASN A 16 -4.62 -2.37 -2.69
N GLU A 17 -3.44 -2.24 -3.28
CA GLU A 17 -2.84 -3.35 -4.00
C GLU A 17 -2.52 -4.51 -3.07
N CYS A 18 -1.75 -4.23 -2.02
CA CYS A 18 -1.38 -5.24 -1.04
C CYS A 18 -2.04 -4.97 0.31
N GLY A 19 -2.16 -3.70 0.65
CA GLY A 19 -2.77 -3.31 1.91
C GLY A 19 -1.81 -2.60 2.83
N LYS A 20 -0.75 -2.04 2.26
CA LYS A 20 0.25 -1.33 3.04
C LYS A 20 -0.34 -0.09 3.70
N VAL A 21 0.50 0.71 4.33
CA VAL A 21 0.06 1.93 5.00
C VAL A 21 1.20 2.92 5.15
N PHE A 22 0.92 4.19 4.91
CA PHE A 22 1.93 5.24 5.02
C PHE A 22 1.34 6.50 5.65
N THR A 23 2.19 7.49 5.89
CA THR A 23 1.75 8.74 6.50
C THR A 23 1.56 9.82 5.43
N GLN A 24 2.55 9.97 4.56
CA GLN A 24 2.49 10.97 3.49
C GLN A 24 2.17 10.32 2.16
N ASN A 25 1.53 11.08 1.27
CA ASN A 25 1.16 10.58 -0.04
C ASN A 25 2.40 10.12 -0.82
N SER A 26 3.40 11.00 -0.90
CA SER A 26 4.63 10.68 -1.60
C SER A 26 5.05 9.24 -1.34
N HIS A 27 4.92 8.80 -0.10
CA HIS A 27 5.29 7.44 0.29
C HIS A 27 4.45 6.42 -0.47
N LEU A 28 3.15 6.63 -0.49
CA LEU A 28 2.23 5.72 -1.19
C LEU A 28 2.47 5.75 -2.69
N THR A 29 2.15 6.88 -3.32
CA THR A 29 2.33 7.03 -4.76
C THR A 29 3.65 6.43 -5.21
N ASN A 30 4.62 6.35 -4.29
CA ASN A 30 5.92 5.81 -4.60
C ASN A 30 5.95 4.29 -4.37
N HIS A 31 5.25 3.85 -3.33
CA HIS A 31 5.19 2.43 -3.01
C HIS A 31 4.68 1.62 -4.20
N TRP A 32 3.68 2.15 -4.89
CA TRP A 32 3.11 1.48 -6.05
C TRP A 32 4.20 0.99 -6.99
N ARG A 33 5.39 1.59 -6.87
CA ARG A 33 6.51 1.22 -7.72
C ARG A 33 6.78 -0.28 -7.65
N ILE A 34 7.04 -0.78 -6.44
CA ILE A 34 7.32 -2.19 -6.25
C ILE A 34 6.21 -3.05 -6.85
N HIS A 35 5.04 -2.46 -7.04
CA HIS A 35 3.91 -3.17 -7.62
C HIS A 35 3.93 -3.10 -9.14
N THR A 36 4.50 -2.02 -9.66
CA THR A 36 4.58 -1.83 -11.11
C THR A 36 5.95 -2.23 -11.63
N GLY A 37 6.07 -3.49 -12.07
CA GLY A 37 7.32 -3.98 -12.60
C GLY A 37 7.23 -4.44 -14.04
N GLU A 38 6.11 -5.10 -14.36
CA GLU A 38 5.89 -5.60 -15.72
C GLU A 38 5.59 -4.45 -16.68
N LYS A 39 6.63 -3.72 -17.05
CA LYS A 39 6.48 -2.59 -17.97
C LYS A 39 5.88 -3.05 -19.30
N PRO A 40 6.58 -3.96 -19.97
CA PRO A 40 6.14 -4.51 -21.27
C PRO A 40 4.92 -5.41 -21.13
N SER A 41 4.16 -5.52 -22.21
CA SER A 41 2.96 -6.36 -22.21
C SER A 41 3.28 -7.79 -22.58
N GLY A 42 3.21 -8.69 -21.59
CA GLY A 42 3.51 -10.09 -21.83
C GLY A 42 4.88 -10.48 -21.33
N PRO A 43 5.24 -11.76 -21.51
CA PRO A 43 6.53 -12.29 -21.08
C PRO A 43 7.70 -11.74 -21.92
N SER A 44 8.74 -11.29 -21.23
CA SER A 44 9.91 -10.74 -21.91
C SER A 44 10.93 -11.83 -22.23
N SER A 45 10.83 -12.38 -23.44
CA SER A 45 11.74 -13.44 -23.87
C SER A 45 13.03 -12.85 -24.44
N GLY A 46 14.16 -13.38 -23.99
CA GLY A 46 15.45 -12.89 -24.46
C GLY A 46 16.43 -14.01 -24.71
N GLY A 1 -14.14 -6.63 21.80
CA GLY A 1 -13.95 -6.03 23.12
C GLY A 1 -12.55 -5.49 23.30
N SER A 2 -12.02 -4.83 22.27
CA SER A 2 -10.68 -4.27 22.32
C SER A 2 -10.65 -2.87 21.70
N SER A 3 -10.48 -1.86 22.55
CA SER A 3 -10.43 -0.48 22.09
C SER A 3 -9.84 0.43 23.15
N GLY A 4 -8.72 1.06 22.83
CA GLY A 4 -8.07 1.95 23.77
C GLY A 4 -6.82 2.59 23.20
N SER A 5 -5.96 1.78 22.62
CA SER A 5 -4.71 2.27 22.03
C SER A 5 -4.98 3.43 21.09
N SER A 6 -4.33 4.56 21.35
CA SER A 6 -4.50 5.76 20.53
C SER A 6 -4.34 5.42 19.06
N GLY A 7 -3.24 4.76 18.71
CA GLY A 7 -2.99 4.39 17.34
C GLY A 7 -1.60 4.76 16.88
N SER A 8 -0.81 3.76 16.51
CA SER A 8 0.56 4.00 16.05
C SER A 8 0.70 3.66 14.58
N GLY A 9 -0.28 4.08 13.78
CA GLY A 9 -0.24 3.83 12.36
C GLY A 9 -1.63 3.79 11.74
N GLU A 10 -2.35 4.91 11.84
CA GLU A 10 -3.70 5.00 11.29
C GLU A 10 -3.84 6.22 10.39
N LYS A 11 -3.49 6.05 9.12
CA LYS A 11 -3.57 7.13 8.15
C LYS A 11 -4.46 6.74 6.96
N PRO A 12 -5.11 7.75 6.35
CA PRO A 12 -6.00 7.54 5.21
C PRO A 12 -5.24 7.13 3.95
N TYR A 13 -3.93 7.25 3.99
CA TYR A 13 -3.09 6.89 2.86
C TYR A 13 -2.73 5.40 2.89
N LYS A 14 -3.61 4.59 2.31
CA LYS A 14 -3.39 3.15 2.26
C LYS A 14 -3.28 2.65 0.82
N CYS A 15 -2.62 1.52 0.63
CA CYS A 15 -2.45 0.94 -0.70
C CYS A 15 -3.61 0.02 -1.04
N ASN A 16 -3.93 -0.06 -2.33
CA ASN A 16 -5.02 -0.90 -2.80
C ASN A 16 -4.49 -2.06 -3.64
N GLU A 17 -3.33 -2.56 -3.27
CA GLU A 17 -2.71 -3.67 -4.00
C GLU A 17 -2.23 -4.75 -3.03
N CYS A 18 -1.78 -4.32 -1.85
CA CYS A 18 -1.29 -5.24 -0.83
C CYS A 18 -1.90 -4.93 0.52
N GLY A 19 -2.05 -3.65 0.82
CA GLY A 19 -2.62 -3.24 2.10
C GLY A 19 -1.63 -2.49 2.97
N LYS A 20 -0.67 -1.83 2.32
CA LYS A 20 0.34 -1.07 3.05
C LYS A 20 -0.22 0.27 3.53
N VAL A 21 0.42 0.85 4.54
CA VAL A 21 -0.02 2.12 5.10
C VAL A 21 1.15 3.09 5.22
N PHE A 22 0.86 4.38 5.01
CA PHE A 22 1.89 5.41 5.09
C PHE A 22 1.30 6.72 5.60
N THR A 23 2.15 7.72 5.76
CA THR A 23 1.72 9.03 6.25
C THR A 23 1.63 10.04 5.10
N GLN A 24 2.75 10.25 4.42
CA GLN A 24 2.80 11.20 3.31
C GLN A 24 2.46 10.50 1.99
N ASN A 25 1.77 11.23 1.12
CA ASN A 25 1.37 10.67 -0.18
C ASN A 25 2.58 10.14 -0.94
N SER A 26 3.62 10.97 -1.05
CA SER A 26 4.83 10.57 -1.75
C SER A 26 5.27 9.17 -1.34
N HIS A 27 5.26 8.91 -0.04
CA HIS A 27 5.66 7.60 0.48
C HIS A 27 4.76 6.50 -0.08
N LEU A 28 3.49 6.84 -0.29
CA LEU A 28 2.53 5.87 -0.82
C LEU A 28 2.63 5.78 -2.34
N THR A 29 2.34 6.88 -3.02
CA THR A 29 2.40 6.92 -4.48
C THR A 29 3.67 6.26 -4.99
N ASN A 30 4.74 6.32 -4.20
CA ASN A 30 6.01 5.73 -4.56
C ASN A 30 6.01 4.22 -4.32
N HIS A 31 5.32 3.81 -3.25
CA HIS A 31 5.23 2.39 -2.90
C HIS A 31 4.63 1.59 -4.06
N TRP A 32 3.59 2.13 -4.68
CA TRP A 32 2.94 1.46 -5.80
C TRP A 32 3.96 1.01 -6.83
N ARG A 33 5.15 1.57 -6.77
CA ARG A 33 6.21 1.23 -7.71
C ARG A 33 6.48 -0.27 -7.70
N ILE A 34 6.71 -0.81 -6.51
CA ILE A 34 6.98 -2.24 -6.36
C ILE A 34 5.82 -3.08 -6.88
N HIS A 35 4.69 -2.42 -7.16
CA HIS A 35 3.50 -3.09 -7.66
C HIS A 35 3.39 -2.95 -9.17
N THR A 36 3.79 -1.78 -9.69
CA THR A 36 3.73 -1.51 -11.12
C THR A 36 4.99 -2.01 -11.82
N GLY A 37 5.01 -3.30 -12.14
CA GLY A 37 6.16 -3.87 -12.82
C GLY A 37 6.40 -5.32 -12.43
N GLU A 38 5.72 -6.24 -13.12
CA GLU A 38 5.86 -7.66 -12.84
C GLU A 38 7.34 -8.08 -12.87
N LYS A 39 7.94 -8.12 -11.70
CA LYS A 39 9.35 -8.50 -11.58
C LYS A 39 9.54 -9.97 -11.93
N PRO A 40 8.87 -10.85 -11.17
CA PRO A 40 8.94 -12.31 -11.38
C PRO A 40 8.26 -12.74 -12.66
N SER A 41 8.00 -14.04 -12.78
CA SER A 41 7.35 -14.58 -13.97
C SER A 41 5.93 -14.03 -14.11
N GLY A 42 5.12 -14.24 -13.08
CA GLY A 42 3.75 -13.75 -13.10
C GLY A 42 2.75 -14.81 -12.71
N PRO A 43 1.60 -14.38 -12.18
CA PRO A 43 0.54 -15.30 -11.74
C PRO A 43 -0.14 -16.00 -12.91
N SER A 44 -1.30 -16.60 -12.64
CA SER A 44 -2.05 -17.32 -13.67
C SER A 44 -3.20 -16.46 -14.19
N SER A 45 -2.91 -15.59 -15.16
CA SER A 45 -3.93 -14.73 -15.73
C SER A 45 -3.38 -14.01 -16.97
N GLY A 46 -4.20 -13.94 -18.01
CA GLY A 46 -3.80 -13.28 -19.24
C GLY A 46 -2.80 -14.10 -20.04
N GLY A 1 -7.93 -10.62 23.08
CA GLY A 1 -8.04 -9.47 22.19
C GLY A 1 -8.38 -8.20 22.92
N SER A 2 -9.62 -8.08 23.37
CA SER A 2 -10.07 -6.89 24.09
C SER A 2 -9.52 -5.63 23.43
N SER A 3 -9.53 -5.61 22.10
CA SER A 3 -9.03 -4.46 21.35
C SER A 3 -10.09 -3.92 20.42
N GLY A 4 -10.23 -2.59 20.37
CA GLY A 4 -11.21 -1.97 19.52
C GLY A 4 -10.84 -2.05 18.05
N SER A 5 -11.84 -2.00 17.18
CA SER A 5 -11.62 -2.07 15.74
C SER A 5 -11.17 -0.72 15.19
N SER A 6 -11.95 0.33 15.48
CA SER A 6 -11.64 1.67 15.02
C SER A 6 -10.48 2.27 15.81
N GLY A 7 -10.67 2.38 17.12
CA GLY A 7 -9.63 2.94 17.97
C GLY A 7 -9.27 4.35 17.59
N SER A 8 -7.97 4.61 17.43
CA SER A 8 -7.50 5.94 17.07
C SER A 8 -7.77 6.24 15.60
N GLY A 9 -7.15 5.45 14.71
CA GLY A 9 -7.33 5.65 13.29
C GLY A 9 -6.03 5.66 12.52
N GLU A 10 -6.08 5.25 11.27
CA GLU A 10 -4.89 5.20 10.43
C GLU A 10 -5.04 6.13 9.22
N LYS A 11 -3.95 6.79 8.85
CA LYS A 11 -3.96 7.71 7.71
C LYS A 11 -4.78 7.13 6.57
N PRO A 12 -5.45 8.02 5.81
CA PRO A 12 -6.28 7.63 4.68
C PRO A 12 -5.45 7.11 3.51
N TYR A 13 -4.13 7.28 3.60
CA TYR A 13 -3.23 6.82 2.55
C TYR A 13 -2.92 5.34 2.69
N LYS A 14 -3.77 4.50 2.09
CA LYS A 14 -3.60 3.06 2.14
C LYS A 14 -3.49 2.47 0.73
N CYS A 15 -2.58 1.52 0.57
CA CYS A 15 -2.38 0.87 -0.73
C CYS A 15 -3.26 -0.36 -0.86
N ASN A 16 -4.31 -0.24 -1.68
CA ASN A 16 -5.24 -1.34 -1.90
C ASN A 16 -4.52 -2.53 -2.53
N GLU A 17 -3.49 -2.25 -3.31
CA GLU A 17 -2.73 -3.30 -3.97
C GLU A 17 -2.35 -4.41 -3.00
N CYS A 18 -1.66 -4.03 -1.92
CA CYS A 18 -1.23 -4.99 -0.91
C CYS A 18 -1.83 -4.64 0.45
N GLY A 19 -1.87 -3.36 0.76
CA GLY A 19 -2.42 -2.91 2.03
C GLY A 19 -1.39 -2.21 2.90
N LYS A 20 -0.48 -1.47 2.26
CA LYS A 20 0.55 -0.75 2.97
C LYS A 20 0.07 0.64 3.38
N VAL A 21 0.32 1.00 4.63
CA VAL A 21 -0.09 2.31 5.14
C VAL A 21 1.11 3.25 5.28
N PHE A 22 0.88 4.53 4.99
CA PHE A 22 1.94 5.53 5.07
C PHE A 22 1.41 6.83 5.68
N THR A 23 2.33 7.71 6.06
CA THR A 23 1.96 8.99 6.64
C THR A 23 1.77 10.06 5.57
N GLN A 24 2.57 9.98 4.52
CA GLN A 24 2.48 10.94 3.43
C GLN A 24 2.19 10.23 2.11
N ASN A 25 1.86 11.01 1.08
CA ASN A 25 1.56 10.46 -0.23
C ASN A 25 2.81 9.91 -0.90
N SER A 26 3.81 10.78 -1.08
CA SER A 26 5.07 10.38 -1.71
C SER A 26 5.46 8.97 -1.27
N HIS A 27 5.16 8.64 -0.02
CA HIS A 27 5.49 7.32 0.52
C HIS A 27 4.60 6.24 -0.10
N LEU A 28 3.31 6.53 -0.17
CA LEU A 28 2.35 5.58 -0.74
C LEU A 28 2.50 5.50 -2.26
N THR A 29 2.46 6.64 -2.91
CA THR A 29 2.59 6.70 -4.37
C THR A 29 3.92 6.09 -4.82
N ASN A 30 4.97 6.34 -4.05
CA ASN A 30 6.29 5.82 -4.37
C ASN A 30 6.34 4.31 -4.16
N HIS A 31 5.43 3.80 -3.34
CA HIS A 31 5.37 2.37 -3.05
C HIS A 31 4.76 1.60 -4.22
N TRP A 32 3.56 2.01 -4.62
CA TRP A 32 2.87 1.37 -5.74
C TRP A 32 3.84 1.00 -6.85
N ARG A 33 4.94 1.73 -6.93
CA ARG A 33 5.95 1.47 -7.94
C ARG A 33 6.34 0.00 -7.97
N ILE A 34 6.61 -0.56 -6.80
CA ILE A 34 7.00 -1.97 -6.69
C ILE A 34 5.89 -2.87 -7.21
N HIS A 35 4.67 -2.35 -7.25
CA HIS A 35 3.52 -3.11 -7.72
C HIS A 35 3.37 -2.98 -9.24
N THR A 36 3.61 -1.79 -9.75
CA THR A 36 3.50 -1.54 -11.19
C THR A 36 4.84 -1.75 -11.88
N GLY A 37 5.01 -2.93 -12.49
CA GLY A 37 6.23 -3.23 -13.18
C GLY A 37 6.12 -4.49 -14.03
N GLU A 38 5.91 -5.63 -13.38
CA GLU A 38 5.78 -6.89 -14.09
C GLU A 38 6.75 -6.96 -15.27
N LYS A 39 7.86 -6.27 -15.14
CA LYS A 39 8.87 -6.24 -16.20
C LYS A 39 9.47 -7.63 -16.40
N PRO A 40 10.08 -8.17 -15.34
CA PRO A 40 10.71 -9.50 -15.39
C PRO A 40 9.68 -10.62 -15.50
N SER A 41 8.65 -10.56 -14.66
CA SER A 41 7.60 -11.57 -14.65
C SER A 41 6.31 -11.01 -15.21
N GLY A 42 6.09 -11.22 -16.51
CA GLY A 42 4.89 -10.72 -17.16
C GLY A 42 4.14 -11.81 -17.89
N PRO A 43 3.52 -12.73 -17.13
CA PRO A 43 2.75 -13.85 -17.70
C PRO A 43 1.46 -13.38 -18.36
N SER A 44 0.86 -12.33 -17.80
CA SER A 44 -0.38 -11.79 -18.34
C SER A 44 -0.15 -10.45 -19.02
N SER A 45 -1.15 -9.97 -19.75
CA SER A 45 -1.06 -8.71 -20.45
C SER A 45 -2.27 -7.83 -20.16
N GLY A 46 -2.01 -6.56 -19.87
CA GLY A 46 -3.09 -5.63 -19.56
C GLY A 46 -2.79 -4.77 -18.36
N GLY A 1 -14.79 2.00 15.98
CA GLY A 1 -13.80 2.28 17.01
C GLY A 1 -12.93 3.47 16.66
N SER A 2 -12.06 3.87 17.58
CA SER A 2 -11.17 5.00 17.37
C SER A 2 -9.74 4.65 17.79
N SER A 3 -9.31 3.44 17.45
CA SER A 3 -7.96 2.99 17.80
C SER A 3 -6.91 3.81 17.07
N GLY A 4 -6.96 3.81 15.74
CA GLY A 4 -6.01 4.55 14.96
C GLY A 4 -6.56 5.88 14.47
N SER A 5 -7.21 6.61 15.38
CA SER A 5 -7.80 7.90 15.05
C SER A 5 -7.19 9.01 15.89
N SER A 6 -6.04 9.53 15.44
CA SER A 6 -5.34 10.59 16.15
C SER A 6 -5.60 11.94 15.49
N GLY A 7 -5.47 13.01 16.27
CA GLY A 7 -5.69 14.34 15.74
C GLY A 7 -4.41 14.98 15.22
N SER A 8 -4.54 16.14 14.60
CA SER A 8 -3.39 16.85 14.04
C SER A 8 -2.62 15.96 13.08
N GLY A 9 -3.36 15.22 12.24
CA GLY A 9 -2.73 14.34 11.28
C GLY A 9 -3.69 13.30 10.73
N GLU A 10 -3.68 13.12 9.42
CA GLU A 10 -4.56 12.16 8.76
C GLU A 10 -3.84 11.43 7.64
N LYS A 11 -3.62 10.14 7.82
CA LYS A 11 -2.94 9.33 6.81
C LYS A 11 -3.87 8.25 6.27
N PRO A 12 -4.95 8.68 5.60
CA PRO A 12 -5.93 7.77 5.01
C PRO A 12 -5.38 7.01 3.81
N TYR A 13 -4.12 7.28 3.48
CA TYR A 13 -3.47 6.64 2.34
C TYR A 13 -3.13 5.18 2.68
N LYS A 14 -3.82 4.26 2.04
CA LYS A 14 -3.60 2.83 2.25
C LYS A 14 -3.66 2.07 0.94
N CYS A 15 -2.53 1.59 0.48
CA CYS A 15 -2.45 0.84 -0.77
C CYS A 15 -3.47 -0.30 -0.77
N ASN A 16 -4.04 -0.58 -1.94
CA ASN A 16 -5.03 -1.64 -2.08
C ASN A 16 -4.40 -2.89 -2.68
N GLU A 17 -3.31 -2.71 -3.42
CA GLU A 17 -2.61 -3.83 -4.04
C GLU A 17 -2.20 -4.86 -3.01
N CYS A 18 -1.65 -4.39 -1.90
CA CYS A 18 -1.21 -5.28 -0.81
C CYS A 18 -1.90 -4.93 0.50
N GLY A 19 -1.98 -3.63 0.79
CA GLY A 19 -2.62 -3.19 2.02
C GLY A 19 -1.66 -2.49 2.96
N LYS A 20 -0.79 -1.65 2.39
CA LYS A 20 0.19 -0.91 3.18
C LYS A 20 -0.33 0.48 3.53
N VAL A 21 0.18 1.04 4.63
CA VAL A 21 -0.22 2.36 5.07
C VAL A 21 0.98 3.28 5.25
N PHE A 22 0.84 4.52 4.78
CA PHE A 22 1.92 5.50 4.88
C PHE A 22 1.39 6.84 5.39
N THR A 23 2.27 7.62 6.01
CA THR A 23 1.89 8.92 6.55
C THR A 23 1.92 9.98 5.46
N GLN A 24 3.03 10.05 4.72
CA GLN A 24 3.17 11.03 3.65
C GLN A 24 2.69 10.45 2.31
N ASN A 25 2.23 11.32 1.43
CA ASN A 25 1.74 10.91 0.12
C ASN A 25 2.87 10.33 -0.71
N SER A 26 4.00 11.03 -0.74
CA SER A 26 5.15 10.57 -1.51
C SER A 26 5.47 9.11 -1.22
N HIS A 27 5.22 8.69 0.02
CA HIS A 27 5.48 7.32 0.43
C HIS A 27 4.52 6.35 -0.28
N LEU A 28 3.29 6.80 -0.49
CA LEU A 28 2.28 5.98 -1.14
C LEU A 28 2.52 5.92 -2.65
N THR A 29 2.36 7.06 -3.32
CA THR A 29 2.57 7.14 -4.76
C THR A 29 3.88 6.48 -5.16
N ASN A 30 4.84 6.45 -4.23
CA ASN A 30 6.13 5.84 -4.50
C ASN A 30 6.09 4.33 -4.26
N HIS A 31 5.27 3.92 -3.31
CA HIS A 31 5.13 2.49 -2.99
C HIS A 31 4.58 1.72 -4.18
N TRP A 32 3.43 2.14 -4.68
CA TRP A 32 2.80 1.48 -5.82
C TRP A 32 3.86 1.03 -6.83
N ARG A 33 4.97 1.73 -6.87
CA ARG A 33 6.05 1.40 -7.80
C ARG A 33 6.37 -0.09 -7.75
N ILE A 34 6.62 -0.60 -6.55
CA ILE A 34 6.93 -2.02 -6.37
C ILE A 34 5.83 -2.90 -6.96
N HIS A 35 4.63 -2.33 -7.10
CA HIS A 35 3.51 -3.06 -7.64
C HIS A 35 3.44 -2.91 -9.16
N THR A 36 3.76 -1.71 -9.64
CA THR A 36 3.74 -1.43 -11.07
C THR A 36 4.94 -0.58 -11.48
N GLY A 37 5.87 -1.19 -12.21
CA GLY A 37 7.05 -0.48 -12.65
C GLY A 37 7.27 -0.60 -14.15
N GLU A 38 6.87 0.43 -14.88
CA GLU A 38 7.02 0.44 -16.34
C GLU A 38 6.84 -0.96 -16.91
N LYS A 39 5.86 -1.69 -16.38
CA LYS A 39 5.59 -3.05 -16.84
C LYS A 39 4.10 -3.25 -17.08
N PRO A 40 3.51 -2.40 -17.94
CA PRO A 40 2.09 -2.46 -18.27
C PRO A 40 1.75 -3.69 -19.11
N SER A 41 1.07 -4.64 -18.49
CA SER A 41 0.68 -5.88 -19.17
C SER A 41 -0.25 -5.58 -20.35
N GLY A 42 0.15 -6.02 -21.54
CA GLY A 42 -0.66 -5.80 -22.72
C GLY A 42 0.17 -5.81 -23.99
N PRO A 43 0.59 -4.62 -24.44
CA PRO A 43 1.40 -4.47 -25.66
C PRO A 43 2.82 -5.02 -25.49
N SER A 44 3.59 -4.97 -26.56
CA SER A 44 4.96 -5.47 -26.53
C SER A 44 5.77 -4.76 -25.45
N SER A 45 6.74 -5.47 -24.88
CA SER A 45 7.58 -4.92 -23.82
C SER A 45 9.01 -5.42 -23.94
N GLY A 46 9.94 -4.75 -23.27
CA GLY A 46 11.33 -5.15 -23.31
C GLY A 46 11.54 -6.57 -22.81
N GLY A 1 -4.27 -11.37 28.39
CA GLY A 1 -4.20 -10.04 27.82
C GLY A 1 -3.60 -10.05 26.43
N SER A 2 -2.35 -9.60 26.31
CA SER A 2 -1.68 -9.55 25.02
C SER A 2 -2.51 -8.79 24.00
N SER A 3 -3.10 -7.68 24.43
CA SER A 3 -3.92 -6.86 23.55
C SER A 3 -3.51 -5.40 23.62
N GLY A 4 -3.80 -4.66 22.55
CA GLY A 4 -3.44 -3.25 22.51
C GLY A 4 -3.38 -2.72 21.09
N SER A 5 -3.02 -1.45 20.95
CA SER A 5 -2.92 -0.80 19.64
C SER A 5 -1.83 0.25 19.63
N SER A 6 -1.61 0.85 18.46
CA SER A 6 -0.58 1.88 18.32
C SER A 6 -0.84 2.71 17.06
N GLY A 7 -0.45 3.98 17.12
CA GLY A 7 -0.65 4.88 15.99
C GLY A 7 -2.02 5.52 15.98
N SER A 8 -2.13 6.67 16.62
CA SER A 8 -3.40 7.39 16.68
C SER A 8 -3.53 8.38 15.53
N GLY A 9 -4.74 8.88 15.32
CA GLY A 9 -4.99 9.83 14.25
C GLY A 9 -5.72 9.21 13.08
N GLU A 10 -5.36 9.63 11.87
CA GLU A 10 -6.00 9.11 10.67
C GLU A 10 -4.97 8.88 9.56
N LYS A 11 -5.03 7.71 8.94
CA LYS A 11 -4.10 7.36 7.87
C LYS A 11 -4.86 6.95 6.61
N PRO A 12 -5.44 7.93 5.91
CA PRO A 12 -6.20 7.69 4.68
C PRO A 12 -5.30 7.27 3.52
N TYR A 13 -4.00 7.39 3.71
CA TYR A 13 -3.04 7.02 2.68
C TYR A 13 -2.68 5.53 2.79
N LYS A 14 -3.49 4.69 2.15
CA LYS A 14 -3.27 3.25 2.17
C LYS A 14 -3.25 2.69 0.75
N CYS A 15 -2.65 1.52 0.59
CA CYS A 15 -2.57 0.87 -0.71
C CYS A 15 -3.67 -0.16 -0.87
N ASN A 16 -4.00 -0.50 -2.13
CA ASN A 16 -5.04 -1.48 -2.41
C ASN A 16 -4.44 -2.80 -2.87
N GLU A 17 -3.30 -2.71 -3.57
CA GLU A 17 -2.62 -3.91 -4.06
C GLU A 17 -2.29 -4.86 -2.91
N CYS A 18 -1.56 -4.36 -1.93
CA CYS A 18 -1.18 -5.17 -0.77
C CYS A 18 -1.96 -4.74 0.47
N GLY A 19 -2.03 -3.43 0.69
CA GLY A 19 -2.74 -2.92 1.85
C GLY A 19 -1.82 -2.27 2.85
N LYS A 20 -0.74 -1.66 2.36
CA LYS A 20 0.23 -0.99 3.22
C LYS A 20 -0.25 0.41 3.59
N VAL A 21 0.37 0.99 4.62
CA VAL A 21 0.00 2.32 5.07
C VAL A 21 1.21 3.26 5.02
N PHE A 22 0.93 4.56 5.04
CA PHE A 22 1.99 5.57 4.98
C PHE A 22 1.51 6.89 5.57
N THR A 23 2.45 7.72 6.02
CA THR A 23 2.13 9.01 6.60
C THR A 23 1.93 10.07 5.52
N GLN A 24 2.81 10.06 4.53
CA GLN A 24 2.73 11.03 3.44
C GLN A 24 2.38 10.33 2.12
N ASN A 25 1.92 11.11 1.15
CA ASN A 25 1.56 10.57 -0.15
C ASN A 25 2.76 9.95 -0.85
N SER A 26 3.82 10.73 -1.00
CA SER A 26 5.04 10.26 -1.65
C SER A 26 5.32 8.81 -1.27
N HIS A 27 5.30 8.53 0.03
CA HIS A 27 5.56 7.19 0.52
C HIS A 27 4.57 6.18 -0.07
N LEU A 28 3.31 6.60 -0.17
CA LEU A 28 2.27 5.74 -0.73
C LEU A 28 2.37 5.67 -2.24
N THR A 29 2.15 6.81 -2.89
CA THR A 29 2.22 6.88 -4.35
C THR A 29 3.48 6.19 -4.88
N ASN A 30 4.60 6.45 -4.23
CA ASN A 30 5.87 5.87 -4.63
C ASN A 30 5.86 4.36 -4.43
N HIS A 31 5.36 3.92 -3.27
CA HIS A 31 5.29 2.50 -2.95
C HIS A 31 4.72 1.71 -4.12
N TRP A 32 3.62 2.19 -4.67
CA TRP A 32 2.98 1.52 -5.80
C TRP A 32 4.01 1.06 -6.83
N ARG A 33 5.13 1.78 -6.90
CA ARG A 33 6.19 1.44 -7.83
C ARG A 33 6.47 -0.05 -7.83
N ILE A 34 6.74 -0.60 -6.64
CA ILE A 34 7.02 -2.02 -6.51
C ILE A 34 5.87 -2.86 -7.05
N HIS A 35 4.68 -2.28 -7.09
CA HIS A 35 3.49 -2.97 -7.60
C HIS A 35 3.38 -2.82 -9.10
N THR A 36 3.73 -1.64 -9.61
CA THR A 36 3.65 -1.36 -11.03
C THR A 36 4.89 -1.88 -11.76
N GLY A 37 4.72 -2.98 -12.50
CA GLY A 37 5.84 -3.55 -13.23
C GLY A 37 6.30 -4.87 -12.62
N GLU A 38 5.35 -5.69 -12.19
CA GLU A 38 5.67 -6.98 -11.58
C GLU A 38 4.47 -7.92 -11.65
N LYS A 39 4.76 -9.22 -11.66
CA LYS A 39 3.71 -10.22 -11.72
C LYS A 39 2.74 -9.93 -12.85
N PRO A 40 3.29 -9.78 -14.07
CA PRO A 40 2.48 -9.49 -15.27
C PRO A 40 1.63 -10.69 -15.69
N SER A 41 0.45 -10.40 -16.25
CA SER A 41 -0.46 -11.45 -16.70
C SER A 41 -1.05 -12.19 -15.50
N GLY A 42 -1.48 -11.44 -14.49
CA GLY A 42 -2.06 -12.04 -13.31
C GLY A 42 -3.54 -12.35 -13.47
N PRO A 43 -4.25 -12.49 -12.35
CA PRO A 43 -5.69 -12.79 -12.35
C PRO A 43 -6.51 -11.60 -12.85
N SER A 44 -5.84 -10.52 -13.19
CA SER A 44 -6.52 -9.32 -13.68
C SER A 44 -7.51 -9.67 -14.79
N SER A 45 -8.63 -8.96 -14.81
CA SER A 45 -9.65 -9.19 -15.84
C SER A 45 -9.28 -8.54 -17.15
N GLY A 46 -8.56 -9.28 -17.99
CA GLY A 46 -8.15 -8.75 -19.29
C GLY A 46 -6.92 -7.87 -19.18
N GLY A 1 3.08 -15.93 27.13
CA GLY A 1 3.57 -14.57 26.99
C GLY A 1 2.48 -13.55 27.21
N SER A 2 2.51 -12.48 26.41
CA SER A 2 1.52 -11.40 26.52
C SER A 2 1.12 -10.90 25.14
N SER A 3 -0.16 -11.08 24.81
CA SER A 3 -0.69 -10.64 23.53
C SER A 3 -0.98 -9.14 23.54
N GLY A 4 -0.72 -8.49 22.41
CA GLY A 4 -0.96 -7.06 22.32
C GLY A 4 -0.91 -6.56 20.90
N SER A 5 -0.08 -5.55 20.64
CA SER A 5 0.05 -4.98 19.31
C SER A 5 -1.31 -4.84 18.63
N SER A 6 -2.30 -4.38 19.40
CA SER A 6 -3.65 -4.21 18.88
C SER A 6 -3.66 -3.25 17.69
N GLY A 7 -4.83 -3.04 17.11
CA GLY A 7 -4.96 -2.15 15.98
C GLY A 7 -5.77 -0.91 16.31
N SER A 8 -5.10 0.24 16.33
CA SER A 8 -5.76 1.50 16.64
C SER A 8 -5.21 2.64 15.78
N GLY A 9 -6.04 3.14 14.88
CA GLY A 9 -5.61 4.22 13.99
C GLY A 9 -5.58 3.80 12.54
N GLU A 10 -5.88 4.75 11.65
CA GLU A 10 -5.89 4.48 10.22
C GLU A 10 -5.47 5.71 9.42
N LYS A 11 -4.34 5.60 8.73
CA LYS A 11 -3.83 6.70 7.93
C LYS A 11 -4.67 6.90 6.67
N PRO A 12 -4.72 8.15 6.18
CA PRO A 12 -5.48 8.50 4.98
C PRO A 12 -4.86 7.92 3.71
N TYR A 13 -3.78 7.17 3.88
CA TYR A 13 -3.09 6.56 2.75
C TYR A 13 -2.92 5.06 2.95
N LYS A 14 -3.52 4.28 2.07
CA LYS A 14 -3.43 2.82 2.16
C LYS A 14 -3.36 2.20 0.76
N CYS A 15 -2.36 1.35 0.56
CA CYS A 15 -2.19 0.69 -0.73
C CYS A 15 -3.18 -0.45 -0.90
N ASN A 16 -4.45 -0.11 -1.05
CA ASN A 16 -5.50 -1.10 -1.21
C ASN A 16 -4.99 -2.30 -2.01
N GLU A 17 -4.16 -2.03 -3.01
CA GLU A 17 -3.60 -3.09 -3.85
C GLU A 17 -3.14 -4.27 -2.99
N CYS A 18 -2.23 -4.01 -2.06
CA CYS A 18 -1.71 -5.05 -1.18
C CYS A 18 -2.26 -4.89 0.22
N GLY A 19 -2.33 -3.65 0.70
CA GLY A 19 -2.84 -3.39 2.03
C GLY A 19 -1.85 -2.65 2.90
N LYS A 20 -0.88 -2.00 2.27
CA LYS A 20 0.14 -1.25 2.99
C LYS A 20 -0.40 0.09 3.46
N VAL A 21 0.27 0.69 4.44
CA VAL A 21 -0.15 1.97 4.98
C VAL A 21 1.04 2.91 5.16
N PHE A 22 0.84 4.17 4.83
CA PHE A 22 1.90 5.17 4.95
C PHE A 22 1.36 6.48 5.52
N THR A 23 2.26 7.40 5.84
CA THR A 23 1.88 8.69 6.40
C THR A 23 1.85 9.77 5.32
N GLN A 24 2.97 9.92 4.61
CA GLN A 24 3.07 10.91 3.55
C GLN A 24 2.48 10.38 2.25
N ASN A 25 1.90 11.28 1.46
CA ASN A 25 1.30 10.91 0.18
C ASN A 25 2.36 10.40 -0.79
N SER A 26 3.39 11.22 -1.00
CA SER A 26 4.47 10.86 -1.91
C SER A 26 4.99 9.46 -1.62
N HIS A 27 4.87 9.04 -0.36
CA HIS A 27 5.33 7.72 0.05
C HIS A 27 4.44 6.62 -0.56
N LEU A 28 3.14 6.87 -0.59
CA LEU A 28 2.19 5.91 -1.14
C LEU A 28 2.38 5.76 -2.65
N THR A 29 2.20 6.86 -3.37
CA THR A 29 2.37 6.84 -4.83
C THR A 29 3.70 6.23 -5.23
N ASN A 30 4.70 6.37 -4.36
CA ASN A 30 6.02 5.83 -4.63
C ASN A 30 6.04 4.31 -4.45
N HIS A 31 5.54 3.85 -3.31
CA HIS A 31 5.50 2.42 -3.02
C HIS A 31 4.98 1.64 -4.22
N TRP A 32 3.84 2.07 -4.75
CA TRP A 32 3.24 1.41 -5.90
C TRP A 32 4.30 0.94 -6.88
N ARG A 33 5.36 1.74 -7.04
CA ARG A 33 6.44 1.41 -7.95
C ARG A 33 6.90 -0.03 -7.74
N ILE A 34 7.11 -0.40 -6.47
CA ILE A 34 7.55 -1.74 -6.13
C ILE A 34 6.64 -2.80 -6.76
N HIS A 35 5.36 -2.49 -6.84
CA HIS A 35 4.38 -3.41 -7.42
C HIS A 35 4.56 -3.49 -8.93
N THR A 36 4.86 -2.36 -9.56
CA THR A 36 5.05 -2.32 -11.00
C THR A 36 6.33 -1.56 -11.37
N GLY A 37 7.44 -2.27 -11.37
CA GLY A 37 8.71 -1.65 -11.70
C GLY A 37 9.77 -2.67 -12.11
N GLU A 38 9.89 -2.91 -13.40
CA GLU A 38 10.87 -3.87 -13.91
C GLU A 38 12.07 -3.15 -14.53
N LYS A 39 12.74 -2.34 -13.72
CA LYS A 39 13.91 -1.60 -14.17
C LYS A 39 14.97 -2.54 -14.75
N PRO A 40 15.45 -3.46 -13.89
CA PRO A 40 16.47 -4.44 -14.29
C PRO A 40 15.93 -5.48 -15.27
N SER A 41 16.76 -6.48 -15.57
CA SER A 41 16.36 -7.54 -16.49
C SER A 41 14.89 -7.89 -16.33
N GLY A 42 14.06 -7.40 -17.24
CA GLY A 42 12.63 -7.68 -17.17
C GLY A 42 11.86 -7.02 -18.30
N PRO A 43 11.83 -7.68 -19.47
CA PRO A 43 11.13 -7.17 -20.66
C PRO A 43 9.61 -7.20 -20.48
N SER A 44 8.92 -6.38 -21.28
CA SER A 44 7.47 -6.31 -21.22
C SER A 44 6.88 -5.94 -22.57
N SER A 45 5.56 -6.01 -22.68
CA SER A 45 4.87 -5.69 -23.93
C SER A 45 4.99 -4.20 -24.24
N GLY A 46 5.86 -3.86 -25.18
CA GLY A 46 6.05 -2.48 -25.56
C GLY A 46 6.64 -2.32 -26.95
N GLY A 1 -9.33 -10.62 2.68
CA GLY A 1 -9.93 -10.77 4.00
C GLY A 1 -9.34 -9.79 5.01
N SER A 2 -9.56 -10.06 6.29
CA SER A 2 -9.06 -9.20 7.35
C SER A 2 -9.18 -9.88 8.71
N SER A 3 -8.05 -10.22 9.32
CA SER A 3 -8.03 -10.88 10.61
C SER A 3 -7.70 -9.89 11.72
N GLY A 4 -8.29 -8.70 11.63
CA GLY A 4 -8.06 -7.67 12.63
C GLY A 4 -6.62 -7.21 12.65
N SER A 5 -6.34 -6.21 13.48
CA SER A 5 -4.98 -5.66 13.59
C SER A 5 -4.89 -4.66 14.73
N SER A 6 -3.67 -4.29 15.09
CA SER A 6 -3.44 -3.34 16.17
C SER A 6 -2.99 -1.99 15.62
N GLY A 7 -3.48 -0.91 16.23
CA GLY A 7 -3.11 0.42 15.78
C GLY A 7 -4.03 1.49 16.33
N SER A 8 -3.49 2.68 16.58
CA SER A 8 -4.27 3.79 17.11
C SER A 8 -4.71 4.73 15.99
N GLY A 9 -3.73 5.23 15.24
CA GLY A 9 -4.04 6.13 14.14
C GLY A 9 -3.81 5.51 12.78
N GLU A 10 -4.89 5.10 12.12
CA GLU A 10 -4.80 4.48 10.81
C GLU A 10 -4.76 5.53 9.71
N LYS A 11 -3.54 5.94 9.33
CA LYS A 11 -3.37 6.93 8.28
C LYS A 11 -4.30 6.66 7.11
N PRO A 12 -4.89 7.73 6.56
CA PRO A 12 -5.81 7.64 5.42
C PRO A 12 -5.09 7.25 4.13
N TYR A 13 -3.76 7.21 4.19
CA TYR A 13 -2.96 6.87 3.02
C TYR A 13 -2.62 5.37 3.02
N LYS A 14 -3.52 4.57 2.43
CA LYS A 14 -3.31 3.13 2.36
C LYS A 14 -3.28 2.66 0.92
N CYS A 15 -2.52 1.60 0.66
CA CYS A 15 -2.39 1.04 -0.68
C CYS A 15 -3.56 0.11 -0.99
N ASN A 16 -3.77 -0.17 -2.27
CA ASN A 16 -4.85 -1.05 -2.71
C ASN A 16 -4.30 -2.39 -3.18
N GLU A 17 -3.13 -2.36 -3.79
CA GLU A 17 -2.50 -3.57 -4.29
C GLU A 17 -2.31 -4.59 -3.17
N CYS A 18 -1.87 -4.10 -2.01
CA CYS A 18 -1.64 -4.96 -0.86
C CYS A 18 -2.41 -4.46 0.36
N GLY A 19 -2.28 -3.17 0.63
CA GLY A 19 -2.96 -2.57 1.77
C GLY A 19 -2.01 -1.84 2.71
N LYS A 20 -0.78 -1.67 2.27
CA LYS A 20 0.23 -0.99 3.07
C LYS A 20 -0.28 0.37 3.55
N VAL A 21 0.37 0.91 4.57
CA VAL A 21 -0.02 2.21 5.12
C VAL A 21 1.17 3.15 5.20
N PHE A 22 0.92 4.44 5.02
CA PHE A 22 1.97 5.45 5.07
C PHE A 22 1.42 6.78 5.57
N THR A 23 2.32 7.69 5.95
CA THR A 23 1.94 9.00 6.45
C THR A 23 1.75 9.99 5.31
N GLN A 24 2.78 10.15 4.50
CA GLN A 24 2.73 11.07 3.36
C GLN A 24 2.31 10.35 2.09
N ASN A 25 1.88 11.11 1.09
CA ASN A 25 1.44 10.55 -0.17
C ASN A 25 2.60 9.89 -0.91
N SER A 26 3.61 10.69 -1.24
CA SER A 26 4.78 10.20 -1.96
C SER A 26 5.11 8.78 -1.52
N HIS A 27 5.19 8.56 -0.22
CA HIS A 27 5.51 7.25 0.33
C HIS A 27 4.59 6.19 -0.25
N LEU A 28 3.30 6.48 -0.31
CA LEU A 28 2.31 5.56 -0.84
C LEU A 28 2.33 5.56 -2.37
N THR A 29 2.07 6.73 -2.95
CA THR A 29 2.05 6.88 -4.40
C THR A 29 3.30 6.25 -5.03
N ASN A 30 4.39 6.25 -4.28
CA ASN A 30 5.65 5.68 -4.76
C ASN A 30 5.72 4.18 -4.48
N HIS A 31 5.23 3.79 -3.31
CA HIS A 31 5.23 2.38 -2.92
C HIS A 31 4.60 1.51 -3.99
N TRP A 32 3.58 2.05 -4.65
CA TRP A 32 2.88 1.33 -5.71
C TRP A 32 3.85 0.89 -6.80
N ARG A 33 4.86 1.72 -7.06
CA ARG A 33 5.86 1.42 -8.08
C ARG A 33 6.51 0.06 -7.81
N ILE A 34 6.70 -0.26 -6.54
CA ILE A 34 7.32 -1.52 -6.15
C ILE A 34 6.50 -2.71 -6.67
N HIS A 35 5.20 -2.49 -6.86
CA HIS A 35 4.32 -3.54 -7.36
C HIS A 35 4.50 -3.73 -8.86
N THR A 36 4.81 -2.65 -9.56
CA THR A 36 5.01 -2.69 -11.00
C THR A 36 6.37 -3.29 -11.35
N GLY A 37 7.42 -2.71 -10.78
CA GLY A 37 8.77 -3.19 -11.05
C GLY A 37 9.31 -4.07 -9.92
N GLU A 38 10.55 -4.50 -10.06
CA GLU A 38 11.18 -5.35 -9.06
C GLU A 38 10.17 -6.32 -8.45
N LYS A 39 9.18 -6.71 -9.25
CA LYS A 39 8.15 -7.64 -8.79
C LYS A 39 8.77 -8.84 -8.11
N PRO A 40 9.63 -9.57 -8.83
CA PRO A 40 10.30 -10.76 -8.31
C PRO A 40 11.35 -10.41 -7.25
N SER A 41 11.92 -11.44 -6.63
CA SER A 41 12.92 -11.24 -5.59
C SER A 41 14.33 -11.32 -6.18
N GLY A 42 15.31 -10.81 -5.43
CA GLY A 42 16.69 -10.83 -5.90
C GLY A 42 17.67 -10.45 -4.81
N PRO A 43 18.96 -10.74 -5.05
CA PRO A 43 20.03 -10.44 -4.09
C PRO A 43 20.29 -8.95 -3.96
N SER A 44 20.72 -8.52 -2.78
CA SER A 44 21.00 -7.12 -2.52
C SER A 44 22.27 -6.68 -3.24
N SER A 45 22.48 -5.37 -3.32
CA SER A 45 23.65 -4.81 -3.99
C SER A 45 24.38 -3.82 -3.09
N GLY A 46 25.62 -3.51 -3.45
CA GLY A 46 26.40 -2.57 -2.66
C GLY A 46 25.56 -1.42 -2.14
#